data_6ATU
#
_entry.id   6ATU
#
_cell.length_a   71.333
_cell.length_b   71.333
_cell.length_c   214.444
_cell.angle_alpha   90.00
_cell.angle_beta   90.00
_cell.angle_gamma   90.00
#
_symmetry.space_group_name_H-M   'P 41'
#
loop_
_entity.id
_entity.type
_entity.pdbx_description
1 polymer Elafin
2 water water
#
_entity_poly.entity_id   1
_entity_poly.type   'polypeptide(L)'
_entity_poly.pdbx_seq_one_letter_code
;GSAQEPVKGPVSTKPGSCPIILIRCAMLNPPNRCLKDTDCPGIKKCCEGSCGMACFVPQ
;
_entity_poly.pdbx_strand_id   A,B,C,D,E,F,G,H,I,J,K,L,M,N,O,P,Q,R
#
# COMPACT_ATOMS: atom_id res chain seq x y z
N VAL A 11 30.70 -9.55 6.33
CA VAL A 11 29.65 -9.91 5.32
C VAL A 11 29.34 -11.44 5.36
N SER A 12 30.38 -12.27 5.19
CA SER A 12 30.21 -13.73 5.09
C SER A 12 30.59 -14.46 6.42
N THR A 13 29.58 -14.96 7.12
CA THR A 13 29.79 -15.61 8.40
C THR A 13 29.18 -16.99 8.44
N LYS A 14 28.13 -17.22 7.66
CA LYS A 14 27.40 -18.50 7.73
C LYS A 14 28.02 -19.53 6.80
N PRO A 15 27.82 -20.83 7.08
CA PRO A 15 28.36 -21.89 6.22
C PRO A 15 27.72 -21.95 4.82
N GLY A 16 28.44 -22.50 3.86
CA GLY A 16 27.94 -22.68 2.51
C GLY A 16 28.46 -21.59 1.63
N SER A 17 28.08 -21.63 0.36
CA SER A 17 28.53 -20.62 -0.59
C SER A 17 27.37 -19.97 -1.31
N CYS A 18 27.56 -18.70 -1.62
CA CYS A 18 26.64 -17.93 -2.42
C CYS A 18 26.57 -18.54 -3.82
N PRO A 19 25.40 -18.49 -4.45
CA PRO A 19 25.35 -18.90 -5.84
C PRO A 19 26.06 -17.94 -6.79
N ILE A 20 26.52 -18.47 -7.90
CA ILE A 20 27.05 -17.68 -8.98
C ILE A 20 25.87 -17.24 -9.86
N ILE A 21 25.71 -15.93 -10.05
CA ILE A 21 24.60 -15.36 -10.85
C ILE A 21 25.17 -14.60 -12.05
N LEU A 22 24.82 -14.99 -13.25
CA LEU A 22 25.44 -14.43 -14.46
C LEU A 22 24.47 -13.53 -15.21
N ILE A 23 23.59 -12.89 -14.44
CA ILE A 23 22.56 -12.06 -14.97
C ILE A 23 22.49 -10.82 -14.03
N ARG A 24 22.60 -9.62 -14.59
CA ARG A 24 22.59 -8.38 -13.79
C ARG A 24 21.60 -7.40 -14.38
N CYS A 25 20.93 -6.63 -13.53
CA CYS A 25 20.18 -5.46 -13.99
C CYS A 25 21.17 -4.34 -14.32
N ALA A 26 20.78 -3.43 -15.22
CA ALA A 26 21.67 -2.34 -15.63
C ALA A 26 21.43 -1.16 -14.73
N MET A 27 21.98 -1.26 -13.53
CA MET A 27 21.87 -0.22 -12.51
C MET A 27 23.21 -0.14 -11.88
N LEU A 28 23.70 1.07 -11.73
CA LEU A 28 24.92 1.36 -10.98
C LEU A 28 24.78 1.06 -9.49
N ASN A 29 23.61 1.36 -8.93
CA ASN A 29 23.41 1.25 -7.48
C ASN A 29 22.08 0.59 -7.19
N PRO A 30 22.00 -0.73 -7.50
CA PRO A 30 20.76 -1.43 -7.20
C PRO A 30 20.58 -1.62 -5.70
N PRO A 31 19.32 -1.70 -5.24
CA PRO A 31 18.97 -1.72 -3.85
C PRO A 31 19.34 -3.03 -3.19
N ASN A 32 19.97 -2.93 -2.03
CA ASN A 32 20.36 -4.10 -1.25
C ASN A 32 19.30 -4.41 -0.22
N ARG A 33 18.92 -5.69 -0.17
CA ARG A 33 17.98 -6.19 0.81
C ARG A 33 18.72 -6.73 2.05
N CYS A 34 20.05 -6.63 2.04
CA CYS A 34 20.91 -7.18 3.12
C CYS A 34 22.32 -6.72 2.86
N LEU A 35 23.14 -6.61 3.89
CA LEU A 35 24.54 -6.25 3.70
C LEU A 35 25.48 -7.33 4.19
N LYS A 36 24.98 -8.16 5.11
CA LYS A 36 25.76 -9.28 5.65
C LYS A 36 24.83 -10.47 5.87
N ASP A 37 25.42 -11.66 6.05
CA ASP A 37 24.65 -12.90 6.22
C ASP A 37 23.65 -12.81 7.36
N THR A 38 24.05 -12.12 8.44
CA THR A 38 23.23 -12.09 9.65
C THR A 38 22.01 -11.19 9.47
N ASP A 39 21.96 -10.44 8.37
CA ASP A 39 20.68 -9.78 7.99
C ASP A 39 19.66 -10.73 7.37
N CYS A 40 20.06 -11.97 7.08
CA CYS A 40 19.19 -12.93 6.40
C CYS A 40 18.76 -13.99 7.37
N PRO A 41 17.54 -14.51 7.21
CA PRO A 41 17.01 -15.54 8.12
C PRO A 41 17.61 -16.93 7.88
N GLY A 42 17.46 -17.80 8.87
CA GLY A 42 17.86 -19.19 8.75
C GLY A 42 19.29 -19.33 8.27
N ILE A 43 19.48 -20.16 7.25
CA ILE A 43 20.82 -20.49 6.80
C ILE A 43 21.23 -19.64 5.64
N LYS A 44 20.41 -18.67 5.28
CA LYS A 44 20.58 -17.94 4.03
C LYS A 44 21.72 -16.94 4.14
N LYS A 45 22.41 -16.75 3.04
CA LYS A 45 23.55 -15.86 3.00
C LYS A 45 23.18 -14.61 2.23
N CYS A 46 23.88 -13.51 2.51
CA CYS A 46 23.70 -12.29 1.76
C CYS A 46 24.64 -12.34 0.58
N CYS A 47 24.09 -12.23 -0.63
CA CYS A 47 24.87 -12.49 -1.88
C CYS A 47 24.52 -11.47 -2.96
N GLU A 48 25.49 -11.15 -3.79
CA GLU A 48 25.24 -10.44 -5.04
C GLU A 48 24.26 -11.24 -5.90
N GLY A 49 23.04 -10.73 -6.05
CA GLY A 49 22.05 -11.33 -6.90
C GLY A 49 22.01 -10.69 -8.27
N SER A 50 20.91 -10.90 -8.96
CA SER A 50 20.69 -10.35 -10.28
C SER A 50 20.47 -8.84 -10.26
N CYS A 51 19.96 -8.33 -9.13
CA CYS A 51 19.77 -6.88 -8.95
C CYS A 51 19.92 -6.43 -7.50
N GLY A 52 21.16 -6.20 -7.10
CA GLY A 52 21.52 -5.88 -5.72
C GLY A 52 21.67 -7.12 -4.84
N MET A 53 22.13 -6.89 -3.61
CA MET A 53 22.33 -7.96 -2.62
C MET A 53 21.01 -8.53 -2.12
N ALA A 54 21.00 -9.82 -1.86
CA ALA A 54 19.79 -10.53 -1.48
C ALA A 54 20.11 -11.78 -0.68
N CYS A 55 19.09 -12.34 -0.05
CA CYS A 55 19.27 -13.49 0.80
C CYS A 55 19.06 -14.77 0.00
N PHE A 56 20.07 -15.65 0.02
CA PHE A 56 20.04 -16.90 -0.75
C PHE A 56 20.31 -18.11 0.12
N VAL A 57 19.53 -19.17 -0.09
CA VAL A 57 19.90 -20.50 0.37
C VAL A 57 21.24 -20.90 -0.25
N PRO A 58 22.26 -21.16 0.58
CA PRO A 58 23.56 -21.56 0.06
C PRO A 58 23.67 -23.06 -0.21
N GLN A 59 24.73 -23.46 -0.91
CA GLN A 59 25.10 -24.87 -1.12
C GLN A 59 26.53 -25.09 -0.60
N VAL B 11 -3.04 3.58 1.43
CA VAL B 11 -3.87 4.12 2.56
C VAL B 11 -3.66 5.67 2.75
N SER B 12 -2.41 6.09 3.01
CA SER B 12 -2.06 7.50 3.19
C SER B 12 -1.38 8.02 1.88
N THR B 13 -2.12 8.86 1.16
CA THR B 13 -1.67 9.37 -0.13
C THR B 13 -1.74 10.88 -0.17
N LYS B 14 -2.65 11.48 0.58
CA LYS B 14 -2.85 12.94 0.51
C LYS B 14 -1.91 13.67 1.47
N PRO B 15 -1.62 14.95 1.18
CA PRO B 15 -0.74 15.73 2.07
C PRO B 15 -1.36 16.02 3.44
N GLY B 16 -0.51 16.29 4.42
CA GLY B 16 -0.91 16.60 5.76
C GLY B 16 -0.85 15.39 6.63
N SER B 17 -1.20 15.58 7.91
CA SER B 17 -1.15 14.52 8.91
C SER B 17 -2.50 14.30 9.58
N CYS B 18 -2.80 13.05 9.88
CA CYS B 18 -3.97 12.70 10.66
C CYS B 18 -3.89 13.26 12.06
N PRO B 19 -5.03 13.65 12.61
CA PRO B 19 -5.07 14.03 14.02
C PRO B 19 -4.70 12.90 14.97
N ILE B 20 -4.03 13.26 16.06
CA ILE B 20 -3.90 12.38 17.19
C ILE B 20 -5.19 12.46 18.03
N ILE B 21 -5.83 11.31 18.24
CA ILE B 21 -7.05 11.19 19.06
C ILE B 21 -6.80 10.21 20.20
N LEU B 22 -7.01 10.64 21.44
CA LEU B 22 -6.65 9.82 22.61
C LEU B 22 -7.90 9.39 23.36
N ILE B 23 -8.97 9.20 22.60
CA ILE B 23 -10.24 8.77 23.11
C ILE B 23 -10.74 7.68 22.12
N ARG B 24 -11.12 6.51 22.65
CA ARG B 24 -11.58 5.39 21.81
C ARG B 24 -12.85 4.81 22.38
N CYS B 25 -13.71 4.30 21.51
CA CYS B 25 -14.85 3.51 21.94
C CYS B 25 -14.36 2.11 22.35
N ALA B 26 -15.06 1.47 23.28
CA ALA B 26 -14.69 0.10 23.70
C ALA B 26 -15.36 -0.87 22.75
N MET B 27 -14.72 -1.05 21.61
CA MET B 27 -15.20 -1.91 20.55
C MET B 27 -13.99 -2.52 19.92
N LEU B 28 -13.99 -3.84 19.82
CA LEU B 28 -12.95 -4.57 19.11
C LEU B 28 -12.91 -4.21 17.64
N ASN B 29 -14.09 -4.00 17.05
CA ASN B 29 -14.21 -3.88 15.61
C ASN B 29 -15.20 -2.78 15.29
N PRO B 30 -14.81 -1.54 15.58
CA PRO B 30 -15.69 -0.44 15.26
C PRO B 30 -15.76 -0.20 13.75
N PRO B 31 -16.89 0.36 13.27
CA PRO B 31 -17.15 0.50 11.85
C PRO B 31 -16.30 1.56 11.20
N ASN B 32 -15.72 1.21 10.06
CA ASN B 32 -14.90 2.12 9.29
C ASN B 32 -15.70 2.77 8.19
N ARG B 33 -15.61 4.10 8.14
CA ARG B 33 -16.32 4.91 7.17
C ARG B 33 -15.44 5.11 5.93
N CYS B 34 -14.21 4.60 6.00
CA CYS B 34 -13.20 4.80 4.94
C CYS B 34 -12.05 3.88 5.23
N LEU B 35 -11.29 3.52 4.21
CA LEU B 35 -10.11 2.65 4.39
C LEU B 35 -8.84 3.33 3.89
N LYS B 36 -8.99 4.34 3.05
CA LYS B 36 -7.84 5.06 2.52
C LYS B 36 -8.24 6.49 2.25
N ASP B 37 -7.25 7.36 2.12
CA ASP B 37 -7.48 8.79 1.93
C ASP B 37 -8.38 9.07 0.75
N THR B 38 -8.23 8.29 -0.32
CA THR B 38 -9.00 8.54 -1.54
C THR B 38 -10.48 8.12 -1.41
N ASP B 39 -10.86 7.44 -0.32
CA ASP B 39 -12.31 7.32 0.03
C ASP B 39 -12.92 8.58 0.64
N CYS B 40 -12.08 9.56 0.98
CA CYS B 40 -12.53 10.76 1.66
C CYS B 40 -12.50 11.90 0.70
N PRO B 41 -13.47 12.82 0.80
CA PRO B 41 -13.56 13.94 -0.13
C PRO B 41 -12.51 15.05 0.11
N GLY B 42 -12.34 15.91 -0.88
CA GLY B 42 -11.42 17.01 -0.79
C GLY B 42 -10.06 16.59 -0.25
N ILE B 43 -9.62 17.31 0.76
CA ILE B 43 -8.28 17.14 1.29
C ILE B 43 -8.25 16.22 2.48
N LYS B 44 -9.40 15.67 2.86
CA LYS B 44 -9.52 14.93 4.10
C LYS B 44 -8.77 13.61 4.02
N LYS B 45 -8.23 13.17 5.14
CA LYS B 45 -7.49 11.91 5.19
C LYS B 45 -8.30 10.89 5.94
N CYS B 46 -8.08 9.62 5.64
CA CYS B 46 -8.72 8.54 6.37
C CYS B 46 -7.85 8.20 7.57
N CYS B 47 -8.43 8.28 8.76
CA CYS B 47 -7.61 8.31 10.02
C CYS B 47 -8.32 7.54 11.11
N GLU B 48 -7.55 6.88 11.97
CA GLU B 48 -8.10 6.27 13.19
C GLU B 48 -8.68 7.36 14.09
N GLY B 49 -10.01 7.37 14.17
CA GLY B 49 -10.74 8.33 14.99
C GLY B 49 -11.09 7.76 16.34
N SER B 50 -12.11 8.31 16.97
CA SER B 50 -12.51 7.91 18.30
C SER B 50 -13.33 6.61 18.29
N CYS B 51 -13.93 6.30 17.14
CA CYS B 51 -14.62 5.00 16.96
C CYS B 51 -14.59 4.52 15.52
N GLY B 52 -13.48 3.87 15.18
CA GLY B 52 -13.22 3.40 13.83
C GLY B 52 -12.63 4.49 12.93
N MET B 53 -12.33 4.11 11.69
CA MET B 53 -11.69 4.99 10.73
C MET B 53 -12.68 6.02 10.24
N ALA B 54 -12.19 7.22 9.96
CA ALA B 54 -13.03 8.32 9.55
C ALA B 54 -12.26 9.33 8.73
N CYS B 55 -12.97 10.25 8.11
CA CYS B 55 -12.37 11.26 7.27
C CYS B 55 -12.14 12.54 8.10
N PHE B 56 -10.89 13.00 8.14
CA PHE B 56 -10.52 14.19 8.91
C PHE B 56 -9.81 15.21 8.03
N VAL B 57 -10.09 16.49 8.28
CA VAL B 57 -9.24 17.55 7.77
C VAL B 57 -7.86 17.40 8.41
N PRO B 58 -6.80 17.31 7.61
CA PRO B 58 -5.46 17.20 8.15
C PRO B 58 -4.80 18.56 8.39
N GLN B 59 -3.66 18.54 9.08
CA GLN B 59 -2.83 19.74 9.33
C GLN B 59 -1.38 19.50 8.83
N THR C 13 -26.44 4.24 34.37
CA THR C 13 -27.91 4.18 34.19
C THR C 13 -28.36 4.88 32.89
N LYS C 14 -27.69 5.97 32.49
CA LYS C 14 -28.04 6.62 31.19
C LYS C 14 -27.62 5.73 30.01
N PRO C 15 -28.29 5.86 28.87
CA PRO C 15 -27.92 5.02 27.73
C PRO C 15 -26.60 5.46 27.07
N GLY C 16 -25.95 4.52 26.38
CA GLY C 16 -24.66 4.77 25.73
C GLY C 16 -23.52 4.10 26.49
N SER C 17 -22.31 4.18 25.94
CA SER C 17 -21.09 3.69 26.60
C SER C 17 -20.14 4.86 26.91
N CYS C 18 -19.39 4.71 27.99
CA CYS C 18 -18.24 5.59 28.25
C CYS C 18 -17.13 5.41 27.19
N PRO C 19 -16.45 6.50 26.84
CA PRO C 19 -15.21 6.36 26.12
C PRO C 19 -14.06 5.81 26.96
N ILE C 20 -13.09 5.21 26.32
CA ILE C 20 -11.83 4.91 26.93
C ILE C 20 -10.94 6.10 26.64
N ILE C 21 -10.41 6.69 27.71
CA ILE C 21 -9.48 7.80 27.59
C ILE C 21 -8.06 7.24 27.71
N LEU C 22 -7.18 7.53 26.75
CA LEU C 22 -5.89 6.84 26.64
C LEU C 22 -4.71 7.58 27.32
N ILE C 23 -5.03 8.55 28.14
CA ILE C 23 -4.00 9.36 28.77
C ILE C 23 -4.48 9.82 30.15
N ARG C 24 -3.60 9.74 31.13
CA ARG C 24 -3.94 10.21 32.47
C ARG C 24 -2.95 11.25 32.94
N CYS C 25 -3.43 12.21 33.71
CA CYS C 25 -2.54 13.09 34.45
C CYS C 25 -1.78 12.28 35.47
N ALA C 26 -0.56 12.73 35.76
CA ALA C 26 0.26 12.13 36.81
C ALA C 26 0.08 12.89 38.13
N MET C 27 -1.14 12.81 38.70
CA MET C 27 -1.32 13.03 40.13
C MET C 27 -2.09 11.89 40.77
N LEU C 28 -1.78 11.61 42.04
CA LEU C 28 -2.40 10.46 42.74
C LEU C 28 -3.89 10.68 42.98
N ASN C 29 -4.30 11.93 43.20
CA ASN C 29 -5.64 12.22 43.68
C ASN C 29 -6.39 13.30 42.89
N PRO C 30 -6.66 13.03 41.60
CA PRO C 30 -7.26 14.04 40.74
C PRO C 30 -8.73 14.31 41.08
N PRO C 31 -9.22 15.48 40.71
CA PRO C 31 -10.50 15.95 41.21
C PRO C 31 -11.65 15.46 40.34
N ASN C 32 -12.72 15.03 40.97
CA ASN C 32 -13.86 14.44 40.26
C ASN C 32 -14.96 15.46 40.11
N ARG C 33 -15.52 15.54 38.91
CA ARG C 33 -16.60 16.46 38.61
C ARG C 33 -17.95 15.75 38.55
N CYS C 34 -17.93 14.44 38.78
CA CYS C 34 -19.16 13.66 38.91
C CYS C 34 -18.87 12.30 39.56
N LEU C 35 -19.92 11.60 39.94
CA LEU C 35 -19.83 10.25 40.50
C LEU C 35 -20.76 9.27 39.78
N LYS C 36 -21.96 9.72 39.39
CA LYS C 36 -22.92 8.91 38.67
C LYS C 36 -23.44 9.69 37.45
N ASP C 37 -24.02 8.97 36.49
CA ASP C 37 -24.47 9.61 35.25
C ASP C 37 -25.45 10.76 35.53
N THR C 38 -26.26 10.60 36.57
CA THR C 38 -27.23 11.61 37.01
C THR C 38 -26.61 12.97 37.44
N ASP C 39 -25.34 12.98 37.83
CA ASP C 39 -24.61 14.23 38.16
C ASP C 39 -24.26 15.05 36.90
N CYS C 40 -24.45 14.48 35.71
CA CYS C 40 -24.03 15.12 34.47
C CYS C 40 -25.24 15.65 33.72
N PRO C 41 -25.08 16.77 32.95
CA PRO C 41 -26.18 17.38 32.23
C PRO C 41 -26.56 16.63 30.95
N GLY C 42 -27.86 16.54 30.68
CA GLY C 42 -28.36 16.04 29.40
C GLY C 42 -28.02 14.58 29.20
N ILE C 43 -27.51 14.25 28.02
CA ILE C 43 -27.26 12.85 27.64
C ILE C 43 -25.92 12.29 28.18
N LYS C 44 -25.18 13.11 28.94
CA LYS C 44 -23.77 12.81 29.23
C LYS C 44 -23.65 11.81 30.36
N LYS C 45 -22.55 11.07 30.36
CA LYS C 45 -22.32 10.01 31.34
C LYS C 45 -21.10 10.34 32.15
N CYS C 46 -21.05 9.80 33.35
CA CYS C 46 -19.91 10.00 34.22
C CYS C 46 -18.92 8.89 33.99
N CYS C 47 -17.67 9.23 33.69
CA CYS C 47 -16.68 8.24 33.24
C CYS C 47 -15.31 8.63 33.73
N GLU C 48 -14.39 7.68 33.83
CA GLU C 48 -12.96 8.00 33.96
C GLU C 48 -12.54 8.92 32.83
N GLY C 49 -12.17 10.15 33.20
CA GLY C 49 -11.58 11.11 32.27
C GLY C 49 -10.08 11.05 32.29
N SER C 50 -9.46 12.06 31.69
CA SER C 50 -8.01 12.18 31.66
C SER C 50 -7.42 12.49 33.03
N CYS C 51 -8.20 13.20 33.86
CA CYS C 51 -7.76 13.58 35.20
C CYS C 51 -8.97 13.59 36.11
N GLY C 52 -9.41 12.38 36.47
CA GLY C 52 -10.58 12.20 37.33
C GLY C 52 -11.87 12.01 36.57
N MET C 53 -12.94 11.72 37.31
CA MET C 53 -14.23 11.44 36.74
C MET C 53 -14.75 12.70 36.09
N ALA C 54 -15.35 12.57 34.91
CA ALA C 54 -15.94 13.73 34.21
C ALA C 54 -17.07 13.33 33.29
N CYS C 55 -17.75 14.34 32.75
CA CYS C 55 -18.95 14.14 31.96
C CYS C 55 -18.61 14.06 30.46
N PHE C 56 -19.13 13.03 29.81
CA PHE C 56 -18.81 12.74 28.42
C PHE C 56 -20.09 12.43 27.67
N VAL C 57 -20.17 12.90 26.44
CA VAL C 57 -21.17 12.41 25.51
C VAL C 57 -20.84 10.95 25.25
N PRO C 58 -21.85 10.08 25.26
CA PRO C 58 -21.53 8.67 25.02
C PRO C 58 -21.10 8.41 23.59
N GLN C 59 -20.14 7.50 23.42
CA GLN C 59 -19.93 6.85 22.15
C GLN C 59 -21.24 6.13 21.74
N THR D 13 7.46 -2.04 -27.85
CA THR D 13 8.31 -2.40 -26.65
C THR D 13 7.48 -2.39 -25.37
N LYS D 14 7.74 -3.36 -24.51
CA LYS D 14 6.99 -3.53 -23.26
C LYS D 14 7.68 -2.80 -22.10
N PRO D 15 6.97 -2.62 -20.96
CA PRO D 15 7.64 -1.99 -19.82
C PRO D 15 8.72 -2.91 -19.23
N GLY D 16 9.69 -2.30 -18.53
CA GLY D 16 10.79 -3.03 -17.91
C GLY D 16 12.09 -2.84 -18.69
N SER D 17 13.21 -3.22 -18.06
CA SER D 17 14.52 -3.24 -18.72
C SER D 17 14.95 -4.69 -19.02
N CYS D 18 15.70 -4.85 -20.10
CA CYS D 18 16.41 -6.10 -20.34
C CYS D 18 17.46 -6.33 -19.26
N PRO D 19 17.67 -7.58 -18.85
CA PRO D 19 18.86 -7.92 -18.09
C PRO D 19 20.14 -7.88 -18.92
N ILE D 20 21.26 -7.65 -18.26
CA ILE D 20 22.58 -7.87 -18.84
C ILE D 20 22.97 -9.30 -18.55
N ILE D 21 23.29 -10.06 -19.60
CA ILE D 21 23.74 -11.45 -19.47
C ILE D 21 25.27 -11.47 -19.58
N LEU D 22 25.94 -11.95 -18.54
CA LEU D 22 27.39 -11.80 -18.41
C LEU D 22 28.20 -12.93 -19.09
N ILE D 23 27.54 -13.70 -19.94
CA ILE D 23 28.20 -14.85 -20.54
C ILE D 23 27.63 -15.09 -21.92
N ARG D 24 28.50 -15.40 -22.86
CA ARG D 24 28.08 -15.68 -24.20
C ARG D 24 28.65 -17.03 -24.65
N CYS D 25 27.86 -17.77 -25.41
CA CYS D 25 28.39 -18.93 -26.16
C CYS D 25 29.37 -18.47 -27.21
N ALA D 26 30.26 -19.39 -27.61
CA ALA D 26 31.29 -19.10 -28.62
C ALA D 26 30.85 -19.51 -30.06
N MET D 27 29.57 -19.30 -30.40
CA MET D 27 29.10 -19.35 -31.80
C MET D 27 29.23 -17.95 -32.43
N LEU D 28 29.63 -17.90 -33.71
CA LEU D 28 29.60 -16.62 -34.48
C LEU D 28 28.17 -16.21 -34.78
N ASN D 29 27.30 -17.19 -34.98
CA ASN D 29 25.94 -16.92 -35.44
C ASN D 29 24.88 -17.69 -34.63
N PRO D 30 24.73 -17.35 -33.35
CA PRO D 30 23.77 -18.05 -32.52
C PRO D 30 22.33 -17.84 -33.00
N PRO D 31 21.44 -18.78 -32.68
CA PRO D 31 20.07 -18.72 -33.18
C PRO D 31 19.22 -17.79 -32.33
N ASN D 32 18.31 -17.05 -32.95
CA ASN D 32 17.48 -16.08 -32.25
C ASN D 32 16.07 -16.58 -32.12
N ARG D 33 15.50 -16.44 -30.93
CA ARG D 33 14.16 -16.91 -30.63
C ARG D 33 13.17 -15.78 -30.59
N CYS D 34 13.63 -14.58 -30.94
CA CYS D 34 12.78 -13.38 -31.00
C CYS D 34 13.61 -12.26 -31.65
N LEU D 35 12.92 -11.24 -32.17
CA LEU D 35 13.58 -9.99 -32.60
C LEU D 35 12.96 -8.71 -31.99
N LYS D 36 11.72 -8.79 -31.50
CA LYS D 36 11.05 -7.66 -30.86
C LYS D 36 10.24 -8.14 -29.67
N ASP D 37 9.92 -7.23 -28.75
CA ASP D 37 9.19 -7.62 -27.53
C ASP D 37 7.82 -8.26 -27.88
N THR D 38 7.21 -7.77 -28.96
CA THR D 38 5.99 -8.39 -29.59
C THR D 38 6.07 -9.92 -29.78
N ASP D 39 7.24 -10.42 -30.19
CA ASP D 39 7.45 -11.86 -30.45
C ASP D 39 7.46 -12.73 -29.18
N CYS D 40 7.45 -12.12 -27.99
CA CYS D 40 7.64 -12.85 -26.73
C CYS D 40 6.32 -12.92 -25.95
N PRO D 41 6.06 -14.06 -25.25
CA PRO D 41 4.81 -14.26 -24.53
C PRO D 41 4.72 -13.45 -23.24
N GLY D 42 3.60 -12.76 -23.04
CA GLY D 42 3.30 -12.13 -21.74
C GLY D 42 4.11 -10.88 -21.53
N ILE D 43 4.59 -10.68 -20.30
CA ILE D 43 5.36 -9.47 -19.96
C ILE D 43 6.81 -9.50 -20.48
N LYS D 44 7.21 -10.59 -21.14
CA LYS D 44 8.61 -10.84 -21.44
C LYS D 44 9.12 -9.95 -22.55
N LYS D 45 10.43 -9.74 -22.59
CA LYS D 45 11.04 -8.85 -23.55
C LYS D 45 12.09 -9.58 -24.34
N CYS D 46 12.29 -9.14 -25.57
CA CYS D 46 13.34 -9.68 -26.41
C CYS D 46 14.66 -9.02 -26.09
N CYS D 47 15.66 -9.81 -25.68
CA CYS D 47 16.96 -9.24 -25.24
C CYS D 47 18.13 -10.10 -25.69
N GLU D 48 19.31 -9.51 -25.86
CA GLU D 48 20.55 -10.29 -25.97
C GLU D 48 20.60 -11.29 -24.84
N GLY D 49 20.49 -12.57 -25.18
CA GLY D 49 20.67 -13.66 -24.22
C GLY D 49 22.09 -14.17 -24.18
N SER D 50 22.25 -15.37 -23.63
CA SER D 50 23.56 -16.02 -23.53
C SER D 50 24.01 -16.55 -24.88
N CYS D 51 23.06 -16.91 -25.72
CA CYS D 51 23.35 -17.46 -27.04
C CYS D 51 22.22 -17.09 -27.98
N GLY D 52 22.21 -15.83 -28.37
CA GLY D 52 21.16 -15.29 -29.23
C GLY D 52 20.10 -14.54 -28.48
N MET D 53 19.25 -13.84 -29.24
CA MET D 53 18.17 -13.09 -28.69
C MET D 53 17.19 -14.07 -28.07
N ALA D 54 16.69 -13.76 -26.88
CA ALA D 54 15.66 -14.59 -26.25
C ALA D 54 14.70 -13.77 -25.40
N CYS D 55 13.71 -14.45 -24.85
CA CYS D 55 12.67 -13.80 -24.08
C CYS D 55 12.98 -13.86 -22.58
N PHE D 56 12.88 -12.72 -21.92
CA PHE D 56 13.26 -12.57 -20.52
C PHE D 56 12.18 -11.80 -19.79
N VAL D 57 11.91 -12.19 -18.55
CA VAL D 57 11.10 -11.39 -17.68
C VAL D 57 11.94 -10.16 -17.35
N PRO D 58 11.33 -8.97 -17.43
CA PRO D 58 12.10 -7.79 -17.14
C PRO D 58 12.51 -7.70 -15.67
N GLN D 59 13.71 -7.17 -15.45
CA GLN D 59 14.15 -6.80 -14.12
C GLN D 59 13.31 -5.64 -13.55
N PRO E 10 -37.88 5.52 -3.45
CA PRO E 10 -36.76 4.72 -3.88
C PRO E 10 -35.60 4.65 -2.86
N VAL E 11 -35.91 4.19 -1.64
CA VAL E 11 -34.88 3.59 -0.75
C VAL E 11 -34.84 2.08 -1.01
N SER E 12 -36.01 1.45 -0.99
CA SER E 12 -36.17 0.05 -1.36
C SER E 12 -36.64 -0.06 -2.82
N THR E 13 -35.76 -0.57 -3.68
CA THR E 13 -36.08 -0.79 -5.07
C THR E 13 -35.86 -2.21 -5.52
N LYS E 14 -34.97 -2.96 -4.86
CA LYS E 14 -34.60 -4.28 -5.34
C LYS E 14 -35.54 -5.35 -4.79
N PRO E 15 -35.65 -6.49 -5.49
CA PRO E 15 -36.44 -7.63 -4.98
C PRO E 15 -35.89 -8.17 -3.68
N GLY E 16 -36.73 -8.87 -2.95
CA GLY E 16 -36.33 -9.48 -1.70
C GLY E 16 -36.56 -8.59 -0.51
N SER E 17 -36.28 -9.14 0.68
CA SER E 17 -36.52 -8.47 1.93
C SER E 17 -35.26 -8.38 2.78
N CYS E 18 -35.13 -7.27 3.45
CA CYS E 18 -34.07 -7.05 4.43
C CYS E 18 -34.24 -8.03 5.62
N PRO E 19 -33.12 -8.53 6.18
CA PRO E 19 -33.11 -9.32 7.39
C PRO E 19 -33.74 -8.59 8.57
N ILE E 20 -34.19 -9.33 9.57
CA ILE E 20 -34.69 -8.77 10.82
C ILE E 20 -33.58 -8.88 11.85
N ILE E 21 -33.01 -7.76 12.28
CA ILE E 21 -31.84 -7.79 13.19
C ILE E 21 -32.22 -7.22 14.55
N LEU E 22 -32.05 -8.02 15.60
CA LEU E 22 -32.54 -7.66 16.93
C LEU E 22 -31.38 -7.64 17.88
N ILE E 23 -30.21 -7.42 17.29
CA ILE E 23 -29.00 -7.29 18.04
C ILE E 23 -28.30 -6.05 17.51
N ARG E 24 -28.04 -5.09 18.39
CA ARG E 24 -27.39 -3.82 18.01
C ARG E 24 -26.05 -3.68 18.68
N CYS E 25 -25.14 -2.95 18.04
CA CYS E 25 -23.97 -2.41 18.72
C CYS E 25 -24.43 -1.35 19.70
N ALA E 26 -23.57 -1.06 20.67
CA ALA E 26 -23.89 -0.13 21.78
C ALA E 26 -23.68 1.30 21.36
N MET E 27 -22.92 1.48 20.29
CA MET E 27 -22.67 2.78 19.70
C MET E 27 -23.97 3.50 19.36
N LEU E 28 -24.05 4.80 19.67
CA LEU E 28 -25.34 5.51 19.70
C LEU E 28 -25.76 6.13 18.35
N ASN E 29 -24.78 6.61 17.59
CA ASN E 29 -25.07 7.12 16.24
C ASN E 29 -24.13 6.46 15.25
N PRO E 30 -24.37 5.16 14.98
CA PRO E 30 -23.47 4.44 14.09
C PRO E 30 -23.52 4.97 12.65
N PRO E 31 -22.38 4.98 11.97
CA PRO E 31 -22.35 5.42 10.59
C PRO E 31 -23.10 4.48 9.68
N ASN E 32 -23.66 5.03 8.61
CA ASN E 32 -24.28 4.26 7.55
C ASN E 32 -23.33 4.03 6.43
N ARG E 33 -23.28 2.80 5.91
CA ARG E 33 -22.51 2.48 4.71
C ARG E 33 -23.35 2.62 3.41
N CYS E 34 -24.64 2.84 3.55
CA CYS E 34 -25.51 3.02 2.40
C CYS E 34 -26.76 3.72 2.85
N LEU E 35 -27.47 4.32 1.92
CA LEU E 35 -28.75 4.96 2.20
C LEU E 35 -29.88 4.38 1.35
N LYS E 36 -29.59 3.95 0.13
CA LYS E 36 -30.59 3.22 -0.67
C LYS E 36 -30.03 1.98 -1.33
N ASP E 37 -30.92 1.08 -1.73
CA ASP E 37 -30.53 -0.19 -2.35
C ASP E 37 -29.49 0.01 -3.45
N THR E 38 -29.62 1.10 -4.22
CA THR E 38 -28.75 1.29 -5.36
C THR E 38 -27.33 1.72 -4.97
N ASP E 39 -27.11 2.07 -3.71
CA ASP E 39 -25.73 2.25 -3.19
C ASP E 39 -25.02 0.91 -2.98
N CYS E 40 -25.75 -0.21 -3.15
CA CYS E 40 -25.24 -1.54 -2.81
C CYS E 40 -25.13 -2.37 -4.05
N PRO E 41 -24.07 -3.18 -4.13
CA PRO E 41 -23.85 -3.94 -5.36
C PRO E 41 -24.78 -5.14 -5.53
N GLY E 42 -24.84 -5.65 -6.76
CA GLY E 42 -25.49 -6.91 -7.02
C GLY E 42 -26.95 -6.88 -6.62
N ILE E 43 -27.34 -7.89 -5.86
CA ILE E 43 -28.72 -8.01 -5.45
C ILE E 43 -28.93 -7.46 -4.04
N LYS E 44 -27.92 -6.83 -3.47
CA LYS E 44 -27.99 -6.45 -2.05
C LYS E 44 -28.83 -5.22 -1.79
N LYS E 45 -29.57 -5.25 -0.69
CA LYS E 45 -30.35 -4.12 -0.24
C LYS E 45 -29.69 -3.41 0.92
N CYS E 46 -29.99 -2.13 1.00
CA CYS E 46 -29.57 -1.31 2.11
C CYS E 46 -30.55 -1.53 3.24
N CYS E 47 -30.08 -2.04 4.38
CA CYS E 47 -30.96 -2.40 5.52
C CYS E 47 -30.35 -1.92 6.83
N GLU E 48 -31.20 -1.62 7.81
CA GLU E 48 -30.70 -1.38 9.17
C GLU E 48 -30.10 -2.69 9.67
N GLY E 49 -28.82 -2.67 9.94
CA GLY E 49 -28.15 -3.84 10.53
C GLY E 49 -27.91 -3.66 12.01
N SER E 50 -27.03 -4.47 12.55
CA SER E 50 -26.67 -4.34 13.96
C SER E 50 -26.03 -3.00 14.30
N CYS E 51 -25.36 -2.38 13.34
CA CYS E 51 -24.60 -1.17 13.59
C CYS E 51 -24.67 -0.23 12.38
N GLY E 52 -25.85 0.27 12.10
CA GLY E 52 -26.03 1.27 11.05
C GLY E 52 -26.43 0.64 9.75
N MET E 53 -26.86 1.47 8.78
CA MET E 53 -27.30 0.93 7.51
C MET E 53 -26.12 0.24 6.84
N ALA E 54 -26.38 -0.93 6.27
CA ALA E 54 -25.37 -1.63 5.51
C ALA E 54 -26.05 -2.51 4.44
N CYS E 55 -25.23 -3.06 3.54
CA CYS E 55 -25.72 -3.82 2.40
C CYS E 55 -25.86 -5.32 2.75
N PHE E 56 -27.04 -5.91 2.49
CA PHE E 56 -27.31 -7.31 2.80
C PHE E 56 -27.82 -8.12 1.60
N VAL E 57 -27.43 -9.38 1.50
CA VAL E 57 -28.13 -10.31 0.64
C VAL E 57 -29.56 -10.45 1.22
N PRO E 58 -30.58 -10.18 0.41
CA PRO E 58 -31.95 -10.35 0.89
C PRO E 58 -32.45 -11.77 0.65
N GLN E 59 -33.59 -12.12 1.21
CA GLN E 59 -34.29 -13.38 0.95
C GLN E 59 -35.71 -13.09 0.45
N PRO F 10 16.17 -21.72 23.25
CA PRO F 10 16.01 -23.07 22.68
C PRO F 10 14.99 -23.90 23.45
N VAL F 11 14.60 -25.07 22.91
CA VAL F 11 13.87 -26.09 23.72
C VAL F 11 14.57 -27.47 23.70
N SER F 12 14.76 -28.02 24.89
CA SER F 12 15.78 -29.03 25.14
C SER F 12 15.14 -30.40 25.43
N THR F 13 14.88 -31.16 24.36
CA THR F 13 14.30 -32.49 24.49
C THR F 13 15.36 -33.62 24.46
N LYS F 14 16.45 -33.45 23.72
CA LYS F 14 17.46 -34.52 23.57
C LYS F 14 18.50 -34.55 24.72
N PRO F 15 19.04 -35.72 25.02
CA PRO F 15 20.10 -35.83 26.02
C PRO F 15 21.37 -35.03 25.73
N GLY F 16 22.08 -34.70 26.80
CA GLY F 16 23.38 -34.05 26.75
C GLY F 16 23.31 -32.54 26.90
N SER F 17 24.46 -31.88 26.90
CA SER F 17 24.56 -30.46 27.19
C SER F 17 25.06 -29.66 25.98
N CYS F 18 24.38 -28.55 25.70
CA CYS F 18 24.91 -27.49 24.84
C CYS F 18 26.29 -26.99 25.32
N PRO F 19 27.28 -26.89 24.40
CA PRO F 19 28.52 -26.17 24.73
C PRO F 19 28.24 -24.67 24.85
N ILE F 20 29.22 -23.93 25.34
CA ILE F 20 29.07 -22.50 25.54
C ILE F 20 29.97 -21.81 24.54
N ILE F 21 29.39 -20.90 23.75
CA ILE F 21 30.16 -20.08 22.83
C ILE F 21 30.41 -18.75 23.51
N LEU F 22 31.67 -18.34 23.58
CA LEU F 22 32.08 -17.28 24.49
C LEU F 22 32.03 -15.89 23.85
N ILE F 23 31.48 -15.81 22.64
CA ILE F 23 31.28 -14.53 21.95
C ILE F 23 29.87 -14.45 21.42
N ARG F 24 29.38 -13.23 21.23
CA ARG F 24 28.13 -13.00 20.50
C ARG F 24 28.32 -11.89 19.47
N CYS F 25 27.49 -11.92 18.45
CA CYS F 25 27.36 -10.78 17.58
C CYS F 25 26.49 -9.75 18.31
N ALA F 26 26.72 -8.49 17.99
CA ALA F 26 26.08 -7.39 18.70
C ALA F 26 24.83 -6.93 17.95
N MET F 27 23.88 -7.85 17.78
CA MET F 27 22.62 -7.52 17.11
C MET F 27 21.46 -8.14 17.88
N LEU F 28 20.32 -7.47 17.84
CA LEU F 28 19.08 -8.00 18.39
C LEU F 28 18.40 -8.88 17.33
N ASN F 29 17.90 -10.04 17.76
CA ASN F 29 17.23 -11.00 16.86
C ASN F 29 18.18 -11.49 15.77
N PRO F 30 19.24 -12.21 16.18
CA PRO F 30 20.05 -12.91 15.22
C PRO F 30 19.23 -14.03 14.55
N PRO F 31 19.51 -14.31 13.25
CA PRO F 31 18.82 -15.43 12.62
C PRO F 31 19.20 -16.77 13.26
N ASN F 32 18.24 -17.68 13.31
CA ASN F 32 18.42 -18.99 13.87
C ASN F 32 18.39 -20.04 12.77
N ARG F 33 19.25 -21.05 12.93
CA ARG F 33 19.27 -22.24 12.07
C ARG F 33 18.34 -23.33 12.62
N CYS F 34 17.93 -23.16 13.87
CA CYS F 34 17.05 -24.10 14.51
C CYS F 34 16.37 -23.41 15.67
N LEU F 35 15.25 -23.95 16.11
CA LEU F 35 14.59 -23.47 17.34
C LEU F 35 14.49 -24.52 18.42
N LYS F 36 14.48 -25.78 18.04
CA LYS F 36 14.39 -26.86 19.01
C LYS F 36 15.25 -28.05 18.59
N ASP F 37 15.53 -28.94 19.53
CA ASP F 37 16.44 -30.03 19.31
C ASP F 37 16.05 -30.86 18.11
N THR F 38 14.75 -31.07 17.93
CA THR F 38 14.25 -31.94 16.88
C THR F 38 14.53 -31.37 15.48
N ASP F 39 14.62 -30.05 15.39
CA ASP F 39 15.05 -29.38 14.15
C ASP F 39 16.48 -29.80 13.74
N CYS F 40 17.27 -30.26 14.71
CA CYS F 40 18.63 -30.76 14.42
C CYS F 40 18.68 -32.26 14.18
N PRO F 41 19.73 -32.73 13.48
CA PRO F 41 19.83 -34.14 13.08
C PRO F 41 20.42 -35.02 14.16
N GLY F 42 19.91 -36.23 14.24
CA GLY F 42 20.40 -37.23 15.17
C GLY F 42 20.57 -36.72 16.58
N ILE F 43 21.79 -36.87 17.10
CA ILE F 43 22.05 -36.58 18.50
C ILE F 43 22.17 -35.09 18.79
N LYS F 44 22.15 -34.25 17.76
CA LYS F 44 22.51 -32.84 17.91
C LYS F 44 21.41 -31.98 18.52
N LYS F 45 21.83 -31.02 19.35
CA LYS F 45 20.91 -30.13 20.04
C LYS F 45 20.93 -28.74 19.39
N CYS F 46 19.82 -28.03 19.52
CA CYS F 46 19.77 -26.62 19.17
C CYS F 46 20.34 -25.80 20.33
N CYS F 47 21.41 -25.04 20.07
CA CYS F 47 22.10 -24.27 21.11
C CYS F 47 22.37 -22.88 20.64
N GLU F 48 22.41 -21.98 21.60
CA GLU F 48 22.82 -20.62 21.37
C GLU F 48 24.27 -20.68 20.87
N GLY F 49 24.51 -20.04 19.73
CA GLY F 49 25.86 -19.96 19.15
C GLY F 49 26.29 -18.52 19.00
N SER F 50 27.34 -18.28 18.21
CA SER F 50 27.98 -16.96 18.19
C SER F 50 27.07 -15.89 17.63
N CYS F 51 26.09 -16.28 16.83
CA CYS F 51 25.15 -15.33 16.30
C CYS F 51 23.86 -16.00 15.83
N GLY F 52 23.07 -16.44 16.78
CA GLY F 52 21.86 -17.21 16.52
C GLY F 52 22.00 -18.64 17.03
N MET F 53 20.88 -19.34 17.14
CA MET F 53 20.91 -20.75 17.48
C MET F 53 21.41 -21.61 16.31
N ALA F 54 22.10 -22.69 16.64
CA ALA F 54 22.61 -23.62 15.67
C ALA F 54 22.69 -25.01 16.30
N CYS F 55 23.00 -26.01 15.49
CA CYS F 55 23.02 -27.41 15.90
C CYS F 55 24.43 -27.81 16.34
N PHE F 56 24.52 -28.48 17.49
CA PHE F 56 25.83 -28.88 18.01
C PHE F 56 25.74 -30.30 18.51
N VAL F 57 26.84 -31.01 18.42
CA VAL F 57 26.98 -32.26 19.11
C VAL F 57 27.08 -31.94 20.59
N PRO F 58 26.28 -32.63 21.41
CA PRO F 58 26.24 -32.32 22.83
C PRO F 58 27.51 -32.68 23.58
N GLN F 59 27.77 -31.96 24.66
CA GLN F 59 28.74 -32.41 25.65
C GLN F 59 28.13 -33.46 26.57
N VAL G 11 21.03 7.86 -27.66
CA VAL G 11 21.98 6.71 -27.77
C VAL G 11 22.53 6.39 -26.36
N SER G 12 22.14 5.22 -25.83
CA SER G 12 22.75 4.67 -24.60
C SER G 12 24.14 4.06 -24.88
N THR G 13 25.17 4.79 -24.49
CA THR G 13 26.52 4.28 -24.52
C THR G 13 26.99 3.93 -23.09
N LYS G 14 26.39 4.53 -22.06
CA LYS G 14 26.94 4.42 -20.71
C LYS G 14 26.18 3.43 -19.82
N PRO G 15 26.87 2.89 -18.80
CA PRO G 15 26.19 1.99 -17.88
C PRO G 15 25.13 2.70 -17.06
N GLY G 16 24.15 1.94 -16.58
CA GLY G 16 23.09 2.48 -15.75
C GLY G 16 21.77 2.50 -16.48
N SER G 17 20.71 2.80 -15.73
CA SER G 17 19.37 2.91 -16.33
C SER G 17 18.85 4.34 -16.19
N CYS G 18 18.14 4.78 -17.22
CA CYS G 18 17.36 5.98 -17.17
C CYS G 18 16.23 5.89 -16.14
N PRO G 19 15.96 6.99 -15.42
CA PRO G 19 14.80 7.00 -14.53
C PRO G 19 13.51 6.99 -15.30
N ILE G 20 12.44 6.61 -14.63
CA ILE G 20 11.11 6.72 -15.15
C ILE G 20 10.49 7.94 -14.50
N ILE G 21 9.85 8.80 -15.31
CA ILE G 21 9.46 10.13 -14.88
C ILE G 21 7.95 10.26 -14.98
N LEU G 22 7.27 10.45 -13.84
CA LEU G 22 5.82 10.35 -13.82
C LEU G 22 5.10 11.67 -14.07
N ILE G 23 5.81 12.70 -14.53
CA ILE G 23 5.19 14.00 -14.81
C ILE G 23 5.87 14.61 -16.02
N ARG G 24 5.09 15.26 -16.87
CA ARG G 24 5.60 15.84 -18.11
C ARG G 24 4.99 17.20 -18.40
N CYS G 25 5.77 18.12 -18.96
CA CYS G 25 5.20 19.30 -19.65
C CYS G 25 4.30 18.82 -20.80
N ALA G 26 3.27 19.61 -21.12
CA ALA G 26 2.27 19.20 -22.13
C ALA G 26 2.65 19.72 -23.50
N MET G 27 3.78 19.23 -24.01
CA MET G 27 4.27 19.58 -25.34
C MET G 27 4.53 18.31 -26.11
N LEU G 28 4.10 18.28 -27.38
CA LEU G 28 4.45 17.17 -28.28
C LEU G 28 5.95 17.14 -28.60
N ASN G 29 6.56 18.31 -28.81
CA ASN G 29 8.02 18.40 -29.17
C ASN G 29 8.82 19.33 -28.23
N PRO G 30 9.14 18.84 -27.01
CA PRO G 30 9.89 19.67 -26.06
C PRO G 30 11.35 19.82 -26.43
N PRO G 31 11.97 20.95 -26.01
CA PRO G 31 13.41 21.11 -26.25
C PRO G 31 14.22 20.00 -25.58
N ASN G 32 15.28 19.56 -26.25
CA ASN G 32 16.18 18.53 -25.72
C ASN G 32 17.53 19.18 -25.45
N ARG G 33 18.16 18.83 -24.33
CA ARG G 33 19.47 19.37 -23.95
C ARG G 33 20.59 18.35 -24.17
N CYS G 34 20.25 17.21 -24.77
CA CYS G 34 21.20 16.17 -25.15
C CYS G 34 20.51 15.20 -26.09
N LEU G 35 21.28 14.33 -26.74
CA LEU G 35 20.69 13.22 -27.54
C LEU G 35 21.39 11.89 -27.32
N LYS G 36 22.72 11.88 -27.37
CA LYS G 36 23.52 10.69 -27.00
C LYS G 36 23.96 10.83 -25.55
N ASP G 37 24.27 9.70 -24.89
CA ASP G 37 24.87 9.75 -23.54
C ASP G 37 26.18 10.52 -23.50
N THR G 38 26.90 10.55 -24.62
CA THR G 38 28.18 11.31 -24.72
C THR G 38 28.02 12.84 -24.60
N ASP G 39 26.82 13.36 -24.86
CA ASP G 39 26.52 14.79 -24.70
C ASP G 39 26.45 15.23 -23.24
N CYS G 40 26.44 14.27 -22.34
CA CYS G 40 26.29 14.54 -20.92
C CYS G 40 27.63 14.34 -20.27
N PRO G 41 27.97 15.16 -19.25
CA PRO G 41 29.26 15.01 -18.58
C PRO G 41 29.31 13.82 -17.63
N GLY G 42 30.52 13.37 -17.33
CA GLY G 42 30.75 12.34 -16.33
C GLY G 42 30.04 11.06 -16.69
N ILE G 43 29.30 10.53 -15.72
CA ILE G 43 28.61 9.28 -15.86
C ILE G 43 27.14 9.49 -16.23
N LYS G 44 26.70 10.74 -16.32
CA LYS G 44 25.29 11.01 -16.58
C LYS G 44 24.85 10.50 -17.96
N LYS G 45 23.58 10.14 -18.07
CA LYS G 45 22.99 9.59 -19.27
C LYS G 45 21.97 10.56 -19.82
N CYS G 46 21.73 10.45 -21.12
CA CYS G 46 20.71 11.25 -21.79
C CYS G 46 19.39 10.53 -21.77
N CYS G 47 18.43 11.06 -21.03
CA CYS G 47 17.16 10.35 -20.81
C CYS G 47 15.97 11.25 -21.07
N GLU G 48 14.85 10.65 -21.43
CA GLU G 48 13.59 11.39 -21.49
C GLU G 48 13.27 11.90 -20.08
N GLY G 49 13.05 13.20 -19.96
CA GLY G 49 12.85 13.86 -18.67
C GLY G 49 11.42 14.36 -18.57
N SER G 50 11.23 15.35 -17.70
CA SER G 50 9.92 15.98 -17.50
C SER G 50 9.52 16.81 -18.72
N CYS G 51 10.51 17.42 -19.36
CA CYS G 51 10.24 18.23 -20.54
C CYS G 51 11.40 18.07 -21.50
N GLY G 52 11.39 16.96 -22.22
CA GLY G 52 12.45 16.64 -23.18
C GLY G 52 13.67 15.94 -22.59
N MET G 53 14.63 15.62 -23.46
CA MET G 53 15.82 14.87 -23.07
C MET G 53 16.67 15.73 -22.18
N ALA G 54 17.29 15.11 -21.18
CA ALA G 54 18.23 15.79 -20.31
C ALA G 54 19.19 14.80 -19.68
N CYS G 55 20.19 15.35 -19.02
CA CYS G 55 21.24 14.59 -18.39
C CYS G 55 20.90 14.23 -16.93
N PHE G 56 20.87 12.92 -16.63
CA PHE G 56 20.58 12.40 -15.29
C PHE G 56 21.69 11.51 -14.79
N VAL G 57 21.93 11.56 -13.49
CA VAL G 57 22.65 10.49 -12.79
C VAL G 57 21.79 9.22 -12.84
N PRO G 58 22.31 8.14 -13.43
CA PRO G 58 21.51 6.93 -13.49
C PRO G 58 21.37 6.29 -12.13
N GLN G 59 20.26 5.58 -11.93
CA GLN G 59 20.17 4.59 -10.85
C GLN G 59 21.17 3.47 -11.12
N VAL H 11 -21.44 -10.88 -23.32
CA VAL H 11 -22.77 -10.44 -22.77
C VAL H 11 -23.92 -11.19 -23.43
N SER H 12 -24.07 -11.02 -24.73
CA SER H 12 -25.25 -11.51 -25.47
C SER H 12 -25.02 -12.87 -26.18
N THR H 13 -24.89 -13.94 -25.42
CA THR H 13 -24.64 -15.26 -25.97
C THR H 13 -25.93 -16.06 -26.29
N LYS H 14 -27.02 -15.82 -25.56
CA LYS H 14 -28.25 -16.62 -25.71
C LYS H 14 -29.18 -16.04 -26.76
N PRO H 15 -30.00 -16.88 -27.37
CA PRO H 15 -30.91 -16.37 -28.38
C PRO H 15 -32.02 -15.52 -27.78
N GLY H 16 -32.74 -14.81 -28.64
CA GLY H 16 -33.77 -13.87 -28.24
C GLY H 16 -33.24 -12.47 -28.13
N SER H 17 -34.14 -11.53 -27.82
CA SER H 17 -33.80 -10.10 -27.71
C SER H 17 -34.22 -9.51 -26.37
N CYS H 18 -33.42 -8.58 -25.87
CA CYS H 18 -33.76 -7.90 -24.61
C CYS H 18 -35.05 -7.11 -24.75
N PRO H 19 -35.91 -7.14 -23.71
CA PRO H 19 -37.04 -6.21 -23.69
C PRO H 19 -36.54 -4.77 -23.53
N ILE H 20 -37.33 -3.82 -23.98
CA ILE H 20 -36.95 -2.42 -23.87
C ILE H 20 -37.59 -1.83 -22.62
N ILE H 21 -36.75 -1.39 -21.68
CA ILE H 21 -37.22 -0.76 -20.44
C ILE H 21 -37.11 0.75 -20.59
N LEU H 22 -38.20 1.46 -20.26
CA LEU H 22 -38.32 2.93 -20.44
C LEU H 22 -38.27 3.72 -19.09
N ILE H 23 -37.29 3.39 -18.26
CA ILE H 23 -37.09 4.05 -16.98
C ILE H 23 -35.71 3.62 -16.56
N ARG H 24 -34.74 4.53 -16.62
CA ARG H 24 -33.42 4.30 -16.04
C ARG H 24 -33.26 5.25 -14.88
N CYS H 25 -32.63 4.79 -13.81
CA CYS H 25 -32.25 5.67 -12.72
C CYS H 25 -31.17 6.64 -13.23
N ALA H 26 -31.11 7.82 -12.60
CA ALA H 26 -30.16 8.87 -13.01
C ALA H 26 -28.69 8.47 -12.78
N MET H 27 -28.45 7.75 -11.69
CA MET H 27 -27.16 7.12 -11.40
C MET H 27 -26.26 6.80 -12.60
N LEU H 28 -24.96 6.98 -12.39
CA LEU H 28 -23.95 6.81 -13.43
C LEU H 28 -23.51 5.33 -13.57
N ASN H 29 -23.21 4.68 -12.44
CA ASN H 29 -22.81 3.25 -12.46
C ASN H 29 -23.67 2.38 -11.55
N PRO H 30 -24.91 2.05 -11.98
CA PRO H 30 -25.83 1.34 -11.11
C PRO H 30 -25.36 -0.08 -10.81
N PRO H 31 -25.93 -0.70 -9.76
CA PRO H 31 -25.53 -2.07 -9.48
C PRO H 31 -26.11 -3.03 -10.53
N ASN H 32 -25.39 -4.11 -10.77
CA ASN H 32 -25.79 -5.07 -11.78
C ASN H 32 -26.03 -6.42 -11.14
N ARG H 33 -27.16 -7.03 -11.49
CA ARG H 33 -27.53 -8.37 -11.02
C ARG H 33 -26.84 -9.44 -11.88
N CYS H 34 -26.41 -9.04 -13.07
CA CYS H 34 -25.78 -9.95 -14.00
C CYS H 34 -24.86 -9.13 -14.90
N LEU H 35 -23.94 -9.79 -15.59
CA LEU H 35 -23.08 -9.11 -16.57
C LEU H 35 -23.14 -9.75 -17.97
N LYS H 36 -23.16 -11.08 -18.00
CA LYS H 36 -23.38 -11.83 -19.21
C LYS H 36 -24.67 -12.62 -19.09
N ASP H 37 -25.17 -13.07 -20.24
CA ASP H 37 -26.35 -13.91 -20.31
C ASP H 37 -26.25 -15.17 -19.46
N THR H 38 -25.04 -15.72 -19.33
CA THR H 38 -24.86 -17.00 -18.68
C THR H 38 -25.00 -16.88 -17.13
N ASP H 39 -24.83 -15.66 -16.60
CA ASP H 39 -25.14 -15.36 -15.19
C ASP H 39 -26.65 -15.47 -14.87
N CYS H 40 -27.51 -15.49 -15.89
CA CYS H 40 -28.95 -15.62 -15.72
C CYS H 40 -29.38 -17.05 -15.90
N PRO H 41 -30.52 -17.45 -15.31
CA PRO H 41 -30.89 -18.84 -15.34
C PRO H 41 -31.62 -19.20 -16.61
N GLY H 42 -31.36 -20.42 -17.09
CA GLY H 42 -32.09 -20.99 -18.24
C GLY H 42 -32.06 -20.11 -19.48
N ILE H 43 -33.23 -19.89 -20.07
CA ILE H 43 -33.34 -19.04 -21.27
C ILE H 43 -33.18 -17.53 -21.06
N LYS H 44 -33.05 -17.05 -19.81
CA LYS H 44 -33.06 -15.60 -19.53
C LYS H 44 -31.75 -14.93 -19.94
N LYS H 45 -31.88 -13.67 -20.34
CA LYS H 45 -30.77 -12.87 -20.85
C LYS H 45 -30.50 -11.72 -19.90
N CYS H 46 -29.25 -11.27 -19.89
CA CYS H 46 -28.85 -10.11 -19.11
C CYS H 46 -29.05 -8.84 -19.94
N CYS H 47 -29.89 -7.95 -19.41
CA CYS H 47 -30.40 -6.79 -20.13
C CYS H 47 -30.41 -5.57 -19.21
N GLU H 48 -30.28 -4.39 -19.79
CA GLU H 48 -30.38 -3.16 -19.03
C GLU H 48 -31.80 -3.05 -18.48
N GLY H 49 -31.91 -2.84 -17.17
CA GLY H 49 -33.19 -2.74 -16.52
C GLY H 49 -33.49 -1.33 -16.06
N SER H 50 -34.49 -1.22 -15.20
CA SER H 50 -34.89 0.07 -14.64
C SER H 50 -33.75 0.74 -13.86
N CYS H 51 -32.83 -0.06 -13.30
CA CYS H 51 -31.64 0.52 -12.74
C CYS H 51 -30.51 -0.50 -12.67
N GLY H 52 -29.76 -0.62 -13.76
CA GLY H 52 -28.70 -1.61 -13.86
C GLY H 52 -29.18 -2.87 -14.56
N MET H 53 -28.26 -3.81 -14.75
CA MET H 53 -28.54 -5.02 -15.54
C MET H 53 -29.26 -6.04 -14.70
N ALA H 54 -30.18 -6.75 -15.32
CA ALA H 54 -30.94 -7.76 -14.67
C ALA H 54 -31.34 -8.80 -15.70
N CYS H 55 -31.91 -9.91 -15.20
CA CYS H 55 -32.26 -11.08 -15.99
C CYS H 55 -33.70 -10.99 -16.46
N PHE H 56 -33.93 -11.24 -17.75
CA PHE H 56 -35.27 -11.18 -18.32
C PHE H 56 -35.56 -12.37 -19.23
N VAL H 57 -36.82 -12.76 -19.31
CA VAL H 57 -37.28 -13.58 -20.40
C VAL H 57 -37.07 -12.82 -21.74
N PRO H 58 -36.47 -13.49 -22.72
CA PRO H 58 -36.16 -12.76 -23.94
C PRO H 58 -37.41 -12.53 -24.77
N GLN H 59 -37.43 -11.41 -25.51
CA GLN H 59 -38.50 -11.12 -26.46
C GLN H 59 -38.09 -11.67 -27.83
N PRO I 10 -1.74 -0.30 11.26
CA PRO I 10 -1.68 1.03 10.61
C PRO I 10 -0.27 1.35 10.08
N VAL I 11 -0.17 1.73 8.80
CA VAL I 11 1.14 2.01 8.18
C VAL I 11 1.65 3.40 8.63
N SER I 12 0.79 4.39 8.47
CA SER I 12 1.11 5.77 8.86
C SER I 12 0.66 6.01 10.31
N THR I 13 1.63 6.14 11.21
CA THR I 13 1.37 6.48 12.60
C THR I 13 2.09 7.74 13.03
N LYS I 14 3.24 8.04 12.44
CA LYS I 14 4.07 9.13 12.91
C LYS I 14 3.62 10.46 12.32
N PRO I 15 3.96 11.57 13.00
CA PRO I 15 3.61 12.89 12.47
C PRO I 15 4.39 13.24 11.24
N GLY I 16 3.90 14.20 10.50
CA GLY I 16 4.52 14.58 9.24
C GLY I 16 3.94 13.85 8.03
N SER I 17 4.41 14.27 6.87
CA SER I 17 3.96 13.75 5.60
C SER I 17 5.12 13.22 4.80
N CYS I 18 4.87 12.11 4.11
CA CYS I 18 5.81 11.56 3.14
C CYS I 18 6.04 12.51 1.95
N PRO I 19 7.30 12.57 1.45
CA PRO I 19 7.62 13.32 0.24
C PRO I 19 6.79 12.87 -0.97
N ILE I 20 6.53 13.78 -1.89
CA ILE I 20 5.95 13.44 -3.18
C ILE I 20 7.08 13.17 -4.15
N ILE I 21 7.14 11.93 -4.68
CA ILE I 21 8.24 11.48 -5.52
C ILE I 21 7.74 11.11 -6.91
N LEU I 22 8.25 11.78 -7.95
CA LEU I 22 7.72 11.61 -9.31
C LEU I 22 8.81 11.11 -10.23
N ILE I 23 9.71 10.36 -9.63
CA ILE I 23 10.80 9.76 -10.35
C ILE I 23 10.97 8.36 -9.79
N ARG I 24 10.99 7.35 -10.65
CA ARG I 24 11.10 5.95 -10.24
C ARG I 24 12.32 5.33 -10.86
N CYS I 25 12.88 4.33 -10.20
CA CYS I 25 13.83 3.44 -10.83
C CYS I 25 13.10 2.67 -11.89
N ALA I 26 13.84 2.08 -12.82
CA ALA I 26 13.23 1.29 -13.91
C ALA I 26 12.80 -0.10 -13.44
N MET I 27 13.38 -0.56 -12.34
CA MET I 27 13.09 -1.88 -11.80
C MET I 27 11.61 -2.06 -11.56
N LEU I 28 11.09 -3.25 -11.87
CA LEU I 28 9.64 -3.46 -11.99
C LEU I 28 8.98 -3.82 -10.68
N ASN I 29 9.68 -4.61 -9.87
CA ASN I 29 9.19 -4.96 -8.53
C ASN I 29 10.29 -4.73 -7.50
N PRO I 30 10.56 -3.46 -7.18
CA PRO I 30 11.66 -3.16 -6.28
C PRO I 30 11.37 -3.62 -4.84
N PRO I 31 12.42 -3.95 -4.09
CA PRO I 31 12.22 -4.36 -2.72
C PRO I 31 11.83 -3.19 -1.84
N ASN I 32 11.13 -3.53 -0.77
CA ASN I 32 10.78 -2.61 0.28
C ASN I 32 11.73 -2.75 1.44
N ARG I 33 12.23 -1.62 1.96
CA ARG I 33 13.05 -1.59 3.17
C ARG I 33 12.21 -1.40 4.43
N CYS I 34 10.92 -1.16 4.28
CA CYS I 34 10.01 -0.97 5.41
C CYS I 34 8.61 -1.18 4.95
N LEU I 35 7.70 -1.41 5.87
CA LEU I 35 6.29 -1.53 5.52
C LEU I 35 5.39 -0.59 6.32
N LYS I 36 5.71 -0.37 7.59
CA LYS I 36 5.02 0.65 8.42
C LYS I 36 6.03 1.65 9.02
N ASP I 37 5.54 2.80 9.47
CA ASP I 37 6.42 3.84 10.03
C ASP I 37 7.28 3.31 11.16
N THR I 38 6.74 2.36 11.93
CA THR I 38 7.43 1.87 13.08
C THR I 38 8.58 0.93 12.71
N ASP I 39 8.69 0.55 11.43
CA ASP I 39 9.90 -0.12 10.94
C ASP I 39 11.07 0.85 10.74
N CYS I 40 10.83 2.16 10.92
CA CYS I 40 11.82 3.21 10.61
C CYS I 40 12.23 3.92 11.84
N PRO I 41 13.49 4.31 11.94
CA PRO I 41 13.95 4.94 13.18
C PRO I 41 13.51 6.40 13.35
N GLY I 42 13.64 6.90 14.58
CA GLY I 42 13.47 8.30 14.87
C GLY I 42 12.12 8.84 14.44
N ILE I 43 12.15 9.90 13.67
CA ILE I 43 10.90 10.51 13.20
C ILE I 43 10.51 10.04 11.78
N LYS I 44 11.23 9.09 11.22
CA LYS I 44 11.10 8.79 9.79
C LYS I 44 9.85 7.99 9.50
N LYS I 45 9.22 8.28 8.37
CA LYS I 45 8.07 7.54 7.95
C LYS I 45 8.44 6.61 6.84
N CYS I 46 7.69 5.52 6.74
CA CYS I 46 7.82 4.60 5.65
C CYS I 46 7.00 5.14 4.48
N CYS I 47 7.67 5.40 3.35
CA CYS I 47 7.04 6.07 2.21
C CYS I 47 7.42 5.40 0.91
N GLU I 48 6.54 5.49 -0.09
CA GLU I 48 6.92 5.09 -1.42
C GLU I 48 7.98 6.04 -1.94
N GLY I 49 9.18 5.54 -2.14
CA GLY I 49 10.28 6.33 -2.69
C GLY I 49 10.44 6.06 -4.19
N SER I 50 11.58 6.46 -4.72
CA SER I 50 11.85 6.22 -6.14
C SER I 50 11.98 4.73 -6.46
N CYS I 51 12.37 3.92 -5.47
CA CYS I 51 12.64 2.54 -5.73
C CYS I 51 12.23 1.68 -4.55
N GLY I 52 10.93 1.66 -4.30
CA GLY I 52 10.34 0.82 -3.23
C GLY I 52 10.12 1.61 -1.96
N MET I 53 9.42 1.00 -1.01
CA MET I 53 9.18 1.67 0.26
C MET I 53 10.53 1.88 0.94
N ALA I 54 10.72 3.05 1.52
CA ALA I 54 11.91 3.33 2.32
C ALA I 54 11.59 4.39 3.37
N CYS I 55 12.54 4.64 4.26
CA CYS I 55 12.35 5.50 5.42
C CYS I 55 12.81 6.93 5.11
N PHE I 56 11.93 7.91 5.33
CA PHE I 56 12.20 9.29 4.97
C PHE I 56 11.96 10.21 6.14
N VAL I 57 12.80 11.22 6.28
CA VAL I 57 12.47 12.33 7.12
C VAL I 57 11.23 12.99 6.51
N PRO I 58 10.17 13.18 7.31
CA PRO I 58 8.94 13.82 6.82
C PRO I 58 8.96 15.35 7.02
N GLN I 59 8.04 16.08 6.38
CA GLN I 59 7.85 17.51 6.64
C GLN I 59 6.42 17.78 7.14
N SER J 12 3.42 -22.02 5.51
CA SER J 12 4.12 -21.28 4.42
C SER J 12 4.29 -22.14 3.13
N THR J 13 3.24 -22.89 2.78
CA THR J 13 3.24 -23.75 1.58
C THR J 13 2.25 -23.19 0.52
N LYS J 14 2.67 -23.20 -0.74
CA LYS J 14 1.87 -22.65 -1.82
C LYS J 14 0.92 -23.69 -2.36
N PRO J 15 -0.13 -23.25 -3.08
CA PRO J 15 -0.96 -24.19 -3.82
C PRO J 15 -0.20 -24.88 -4.97
N GLY J 16 -0.69 -26.06 -5.32
CA GLY J 16 -0.16 -26.83 -6.44
C GLY J 16 0.43 -28.15 -5.97
N SER J 17 0.87 -28.94 -6.94
CA SER J 17 1.59 -30.18 -6.65
C SER J 17 3.00 -30.07 -7.18
N CYS J 18 3.96 -30.54 -6.38
CA CYS J 18 5.32 -30.74 -6.89
C CYS J 18 5.29 -31.73 -8.05
N PRO J 19 5.88 -31.37 -9.20
CA PRO J 19 6.20 -32.43 -10.16
C PRO J 19 7.18 -33.44 -9.58
N ILE J 20 7.03 -34.70 -9.98
CA ILE J 20 7.79 -35.79 -9.39
C ILE J 20 8.87 -36.26 -10.36
N ILE J 21 10.10 -36.30 -9.86
CA ILE J 21 11.24 -36.59 -10.71
C ILE J 21 11.57 -38.06 -10.55
N LEU J 22 11.84 -38.70 -11.68
CA LEU J 22 11.87 -40.14 -11.73
C LEU J 22 13.29 -40.71 -11.53
N ILE J 23 14.29 -39.86 -11.75
CA ILE J 23 15.69 -40.24 -11.60
C ILE J 23 16.34 -39.23 -10.68
N ARG J 24 16.91 -39.69 -9.58
CA ARG J 24 17.66 -38.79 -8.72
C ARG J 24 18.90 -39.41 -8.07
N CYS J 25 19.88 -38.58 -7.76
CA CYS J 25 21.12 -39.04 -7.15
C CYS J 25 20.80 -39.62 -5.79
N ALA J 26 21.64 -40.52 -5.34
CA ALA J 26 21.49 -41.12 -4.05
C ALA J 26 22.68 -40.74 -3.18
N MET J 27 23.11 -39.49 -3.32
CA MET J 27 24.00 -38.89 -2.33
C MET J 27 23.28 -38.86 -1.02
N LEU J 28 24.06 -38.91 0.07
CA LEU J 28 23.48 -38.65 1.39
C LEU J 28 22.93 -37.23 1.53
N ASN J 29 23.66 -36.23 1.04
CA ASN J 29 23.30 -34.83 1.24
C ASN J 29 23.41 -34.04 -0.05
N PRO J 30 22.45 -34.23 -0.95
CA PRO J 30 22.49 -33.44 -2.20
C PRO J 30 22.20 -31.97 -1.94
N PRO J 31 22.76 -31.07 -2.76
CA PRO J 31 22.70 -29.66 -2.48
C PRO J 31 21.31 -29.09 -2.75
N ASN J 32 20.74 -28.45 -1.75
CA ASN J 32 19.42 -27.92 -1.82
C ASN J 32 19.46 -26.45 -2.19
N ARG J 33 18.71 -26.09 -3.22
CA ARG J 33 18.63 -24.70 -3.65
C ARG J 33 17.48 -23.96 -2.98
N CYS J 34 16.60 -24.71 -2.32
CA CYS J 34 15.52 -24.17 -1.55
C CYS J 34 15.26 -25.14 -0.44
N LEU J 35 14.64 -24.67 0.62
CA LEU J 35 14.21 -25.50 1.73
C LEU J 35 12.67 -25.47 1.89
N LYS J 36 12.02 -24.46 1.35
CA LYS J 36 10.60 -24.19 1.58
C LYS J 36 10.03 -23.56 0.33
N ASP J 37 8.71 -23.57 0.20
CA ASP J 37 8.08 -22.95 -0.98
C ASP J 37 8.38 -21.45 -1.01
N THR J 38 8.41 -20.81 0.15
CA THR J 38 8.71 -19.37 0.21
C THR J 38 10.12 -18.98 -0.22
N ASP J 39 11.06 -19.93 -0.27
CA ASP J 39 12.41 -19.62 -0.77
C ASP J 39 12.41 -19.51 -2.28
N CYS J 40 11.32 -19.94 -2.92
CA CYS J 40 11.19 -19.91 -4.38
C CYS J 40 10.36 -18.70 -4.88
N PRO J 41 10.71 -18.15 -6.07
CA PRO J 41 9.95 -17.02 -6.66
C PRO J 41 8.56 -17.42 -7.20
N GLY J 42 7.67 -16.44 -7.35
CA GLY J 42 6.41 -16.61 -8.07
C GLY J 42 5.53 -17.65 -7.41
N ILE J 43 4.95 -18.54 -8.23
CA ILE J 43 4.15 -19.65 -7.68
C ILE J 43 4.96 -20.96 -7.52
N LYS J 44 6.26 -20.91 -7.77
CA LYS J 44 7.11 -22.11 -7.78
C LYS J 44 7.24 -22.78 -6.39
N LYS J 45 7.11 -24.10 -6.38
CA LYS J 45 7.21 -24.88 -5.15
C LYS J 45 8.61 -25.46 -5.00
N CYS J 46 8.99 -25.73 -3.75
CA CYS J 46 10.26 -26.36 -3.46
C CYS J 46 10.08 -27.83 -3.46
N CYS J 47 10.82 -28.54 -4.30
CA CYS J 47 10.54 -29.95 -4.58
C CYS J 47 11.84 -30.76 -4.62
N GLU J 48 11.77 -32.05 -4.36
CA GLU J 48 12.86 -32.95 -4.71
C GLU J 48 13.06 -32.88 -6.22
N GLY J 49 14.28 -32.59 -6.62
CA GLY J 49 14.68 -32.52 -8.01
C GLY J 49 15.71 -33.59 -8.34
N SER J 50 16.40 -33.43 -9.46
CA SER J 50 17.26 -34.52 -9.94
C SER J 50 18.45 -34.77 -9.00
N CYS J 51 19.00 -33.72 -8.39
CA CYS J 51 19.96 -33.90 -7.28
C CYS J 51 19.94 -32.75 -6.25
N GLY J 52 19.06 -32.90 -5.26
CA GLY J 52 18.77 -31.84 -4.31
C GLY J 52 17.45 -31.16 -4.60
N MET J 53 16.85 -30.59 -3.54
CA MET J 53 15.62 -29.82 -3.68
C MET J 53 15.80 -28.55 -4.51
N ALA J 54 14.77 -28.18 -5.26
CA ALA J 54 14.87 -27.05 -6.20
C ALA J 54 13.48 -26.48 -6.53
N CYS J 55 13.48 -25.31 -7.14
CA CYS J 55 12.22 -24.62 -7.39
C CYS J 55 11.61 -25.04 -8.72
N PHE J 56 10.34 -25.45 -8.66
CA PHE J 56 9.60 -25.93 -9.81
C PHE J 56 8.26 -25.24 -9.88
N VAL J 57 7.91 -24.81 -11.10
CA VAL J 57 6.52 -24.54 -11.50
C VAL J 57 5.72 -25.78 -11.14
N PRO J 58 4.60 -25.62 -10.39
CA PRO J 58 3.78 -26.78 -10.07
C PRO J 58 2.96 -27.26 -11.25
N GLN J 59 2.41 -28.47 -11.11
CA GLN J 59 1.38 -28.97 -12.02
C GLN J 59 0.04 -28.95 -11.32
N SER K 12 -14.31 -13.03 -4.72
CA SER K 12 -13.16 -13.98 -4.56
C SER K 12 -13.33 -14.84 -3.28
N THR K 13 -12.32 -15.66 -2.96
CA THR K 13 -12.50 -16.89 -2.18
C THR K 13 -11.57 -16.93 -0.96
N LYS K 14 -12.17 -17.11 0.22
CA LYS K 14 -11.42 -17.22 1.47
C LYS K 14 -10.84 -18.61 1.63
N PRO K 15 -9.78 -18.73 2.45
CA PRO K 15 -9.13 -20.05 2.67
C PRO K 15 -9.95 -21.00 3.56
N GLY K 16 -9.64 -22.29 3.47
CA GLY K 16 -10.36 -23.31 4.20
C GLY K 16 -11.44 -24.00 3.36
N SER K 17 -12.06 -24.99 3.96
CA SER K 17 -13.10 -25.77 3.28
C SER K 17 -14.45 -25.58 3.96
N CYS K 18 -15.49 -25.49 3.14
CA CYS K 18 -16.86 -25.49 3.62
C CYS K 18 -17.16 -26.79 4.35
N PRO K 19 -17.86 -26.71 5.50
CA PRO K 19 -18.51 -27.93 6.00
C PRO K 19 -19.52 -28.46 4.99
N ILE K 20 -19.54 -29.78 4.79
CA ILE K 20 -20.52 -30.40 3.89
C ILE K 20 -21.75 -30.82 4.69
N ILE K 21 -22.86 -30.10 4.50
CA ILE K 21 -24.11 -30.38 5.19
C ILE K 21 -24.71 -31.69 4.66
N LEU K 22 -25.24 -32.50 5.55
CA LEU K 22 -25.67 -33.84 5.17
C LEU K 22 -27.16 -34.00 5.17
N ILE K 23 -27.87 -33.05 5.74
CA ILE K 23 -29.30 -32.97 5.57
C ILE K 23 -29.67 -31.59 5.09
N ARG K 24 -30.34 -31.51 3.94
CA ARG K 24 -30.81 -30.24 3.49
C ARG K 24 -32.19 -30.35 2.83
N CYS K 25 -32.87 -29.20 2.69
CA CYS K 25 -34.19 -29.17 2.09
C CYS K 25 -34.11 -29.28 0.58
N ALA K 26 -35.09 -29.96 0.00
CA ALA K 26 -35.20 -30.11 -1.44
C ALA K 26 -36.22 -29.16 -2.03
N MET K 27 -36.19 -27.92 -1.59
CA MET K 27 -36.85 -26.82 -2.29
C MET K 27 -36.15 -26.50 -3.58
N LEU K 28 -36.87 -25.99 -4.56
CA LEU K 28 -36.22 -25.52 -5.79
C LEU K 28 -35.29 -24.34 -5.52
N ASN K 29 -35.77 -23.35 -4.76
CA ASN K 29 -34.99 -22.13 -4.48
C ASN K 29 -34.91 -21.82 -2.97
N PRO K 30 -34.15 -22.62 -2.21
CA PRO K 30 -34.06 -22.30 -0.78
C PRO K 30 -33.43 -20.93 -0.59
N PRO K 31 -33.74 -20.27 0.52
CA PRO K 31 -33.36 -18.85 0.70
C PRO K 31 -31.90 -18.66 1.07
N ASN K 32 -31.14 -17.95 0.25
CA ASN K 32 -29.69 -17.79 0.52
C ASN K 32 -29.40 -16.55 1.33
N ARG K 33 -28.54 -16.71 2.33
CA ARG K 33 -28.18 -15.60 3.20
C ARG K 33 -26.86 -15.00 2.78
N CYS K 34 -26.12 -15.72 1.93
CA CYS K 34 -24.92 -15.19 1.28
C CYS K 34 -24.83 -15.79 -0.13
N LEU K 35 -24.05 -15.19 -1.00
CA LEU K 35 -23.78 -15.79 -2.31
C LEU K 35 -22.32 -16.10 -2.55
N LYS K 36 -21.42 -15.50 -1.79
CA LYS K 36 -19.99 -15.74 -1.93
C LYS K 36 -19.29 -15.42 -0.59
N ASP K 37 -18.07 -15.88 -0.44
CA ASP K 37 -17.38 -15.79 0.84
C ASP K 37 -17.31 -14.36 1.38
N THR K 38 -17.14 -13.39 0.47
CA THR K 38 -17.04 -11.98 0.87
C THR K 38 -18.32 -11.40 1.42
N ASP K 39 -19.49 -12.02 1.15
CA ASP K 39 -20.75 -11.66 1.85
C ASP K 39 -20.79 -12.02 3.33
N CYS K 40 -19.83 -12.83 3.78
CA CYS K 40 -19.84 -13.37 5.12
C CYS K 40 -18.75 -12.65 5.92
N PRO K 41 -18.95 -12.48 7.24
CA PRO K 41 -17.97 -11.85 8.12
C PRO K 41 -16.75 -12.70 8.43
N GLY K 42 -15.65 -12.03 8.75
CA GLY K 42 -14.45 -12.67 9.25
C GLY K 42 -13.94 -13.71 8.29
N ILE K 43 -13.66 -14.89 8.83
CA ILE K 43 -13.10 -15.98 8.07
C ILE K 43 -14.18 -16.88 7.44
N LYS K 44 -15.46 -16.56 7.64
CA LYS K 44 -16.54 -17.47 7.26
C LYS K 44 -16.71 -17.56 5.75
N LYS K 45 -17.03 -18.76 5.28
CA LYS K 45 -17.31 -19.01 3.89
C LYS K 45 -18.79 -19.21 3.67
N CYS K 46 -19.19 -19.07 2.41
CA CYS K 46 -20.54 -19.26 1.99
C CYS K 46 -20.71 -20.69 1.50
N CYS K 47 -21.56 -21.46 2.18
CA CYS K 47 -21.65 -22.90 1.99
C CYS K 47 -23.09 -23.31 1.93
N GLU K 48 -23.36 -24.43 1.25
CA GLU K 48 -24.69 -25.04 1.31
C GLU K 48 -25.04 -25.35 2.74
N GLY K 49 -26.20 -24.86 3.17
CA GLY K 49 -26.68 -25.03 4.52
C GLY K 49 -27.90 -25.93 4.56
N SER K 50 -28.55 -25.95 5.70
CA SER K 50 -29.70 -26.80 5.93
C SER K 50 -30.82 -26.50 4.95
N CYS K 51 -31.03 -25.23 4.69
CA CYS K 51 -31.99 -24.83 3.70
C CYS K 51 -31.63 -23.47 3.19
N GLY K 52 -30.69 -23.46 2.26
CA GLY K 52 -30.15 -22.25 1.67
C GLY K 52 -28.68 -22.08 2.00
N MET K 53 -27.96 -21.32 1.17
CA MET K 53 -26.58 -20.95 1.46
C MET K 53 -26.50 -20.04 2.65
N ALA K 54 -25.42 -20.19 3.42
CA ALA K 54 -25.25 -19.51 4.68
C ALA K 54 -23.77 -19.50 5.05
N CYS K 55 -23.44 -18.74 6.08
CA CYS K 55 -22.08 -18.49 6.43
C CYS K 55 -21.65 -19.48 7.49
N PHE K 56 -20.47 -20.07 7.29
CA PHE K 56 -19.92 -21.11 8.17
C PHE K 56 -18.44 -20.94 8.41
N VAL K 57 -18.02 -21.22 9.63
CA VAL K 57 -16.63 -21.33 9.97
C VAL K 57 -16.05 -22.46 9.11
N PRO K 58 -14.92 -22.21 8.42
CA PRO K 58 -14.34 -23.30 7.64
C PRO K 58 -13.78 -24.42 8.50
N GLN K 59 -13.63 -25.59 7.88
CA GLN K 59 -12.81 -26.69 8.43
C GLN K 59 -11.42 -26.76 7.75
N SER L 12 -10.09 -9.70 34.49
CA SER L 12 -11.42 -9.80 35.16
C SER L 12 -12.56 -9.37 34.23
N THR L 13 -12.37 -8.24 33.56
CA THR L 13 -13.27 -7.79 32.50
C THR L 13 -12.46 -7.64 31.20
N LYS L 14 -13.07 -8.05 30.10
CA LYS L 14 -12.34 -8.14 28.84
C LYS L 14 -12.67 -6.98 27.93
N PRO L 15 -11.83 -6.74 26.92
CA PRO L 15 -12.09 -5.64 26.01
C PRO L 15 -13.32 -5.88 25.13
N GLY L 16 -13.91 -4.79 24.64
CA GLY L 16 -15.04 -4.84 23.72
C GLY L 16 -16.34 -4.44 24.38
N SER L 17 -17.40 -4.36 23.59
CA SER L 17 -18.70 -4.01 24.14
C SER L 17 -19.70 -5.14 24.00
N CYS L 18 -20.45 -5.35 25.08
CA CYS L 18 -21.67 -6.14 25.05
C CYS L 18 -22.65 -5.60 24.02
N PRO L 19 -23.34 -6.49 23.29
CA PRO L 19 -24.39 -6.02 22.39
C PRO L 19 -25.64 -5.62 23.13
N ILE L 20 -26.47 -4.85 22.44
CA ILE L 20 -27.76 -4.48 22.95
C ILE L 20 -28.78 -5.39 22.28
N ILE L 21 -29.66 -5.98 23.06
CA ILE L 21 -30.53 -7.05 22.59
C ILE L 21 -31.97 -6.55 22.65
N LEU L 22 -32.68 -6.57 21.52
CA LEU L 22 -33.99 -5.92 21.44
C LEU L 22 -35.19 -6.85 21.70
N ILE L 23 -34.92 -8.05 22.18
CA ILE L 23 -35.96 -9.06 22.40
C ILE L 23 -35.58 -9.88 23.62
N ARG L 24 -36.56 -10.17 24.49
CA ARG L 24 -36.29 -10.94 25.72
C ARG L 24 -37.41 -11.94 26.03
N CYS L 25 -37.06 -13.07 26.64
CA CYS L 25 -38.03 -13.93 27.29
C CYS L 25 -38.74 -13.15 28.39
N ALA L 26 -39.99 -13.50 28.68
CA ALA L 26 -40.82 -12.76 29.63
C ALA L 26 -40.65 -13.32 31.04
N MET L 27 -39.42 -13.23 31.57
CA MET L 27 -39.11 -13.75 32.90
C MET L 27 -38.42 -12.67 33.71
N LEU L 28 -38.82 -12.52 34.98
CA LEU L 28 -38.10 -11.63 35.89
C LEU L 28 -36.71 -12.19 36.23
N ASN L 29 -36.61 -13.52 36.41
CA ASN L 29 -35.34 -14.16 36.80
C ASN L 29 -34.96 -15.35 35.89
N PRO L 30 -34.43 -15.05 34.69
CA PRO L 30 -34.01 -16.10 33.76
C PRO L 30 -32.69 -16.74 34.16
N PRO L 31 -32.44 -17.99 33.72
CA PRO L 31 -31.16 -18.63 34.01
C PRO L 31 -29.97 -17.89 33.36
N ASN L 32 -28.82 -17.88 34.04
CA ASN L 32 -27.61 -17.25 33.52
C ASN L 32 -26.57 -18.33 33.24
N ARG L 33 -25.93 -18.26 32.08
CA ARG L 33 -24.89 -19.23 31.69
C ARG L 33 -23.49 -18.74 32.06
N CYS L 34 -23.41 -17.54 32.66
CA CYS L 34 -22.16 -16.95 33.11
C CYS L 34 -22.46 -15.74 34.00
N LEU L 35 -21.44 -15.25 34.72
CA LEU L 35 -21.58 -14.02 35.54
C LEU L 35 -20.46 -12.98 35.31
N LYS L 36 -19.21 -13.43 35.25
CA LYS L 36 -18.06 -12.55 34.92
C LYS L 36 -17.56 -12.90 33.51
N ASP L 37 -16.88 -11.97 32.84
CA ASP L 37 -16.35 -12.25 31.48
C ASP L 37 -15.41 -13.45 31.52
N THR L 38 -14.77 -13.64 32.67
CA THR L 38 -13.94 -14.82 32.97
C THR L 38 -14.62 -16.18 32.68
N ASP L 39 -15.91 -16.29 32.95
CA ASP L 39 -16.66 -17.55 32.75
C ASP L 39 -16.83 -17.94 31.29
N CYS L 40 -16.52 -17.02 30.38
CA CYS L 40 -16.67 -17.25 28.95
C CYS L 40 -15.32 -17.55 28.36
N PRO L 41 -15.27 -18.46 27.36
CA PRO L 41 -14.01 -18.83 26.72
C PRO L 41 -13.46 -17.74 25.79
N GLY L 42 -12.16 -17.79 25.55
CA GLY L 42 -11.48 -16.89 24.63
C GLY L 42 -11.76 -15.43 24.94
N ILE L 43 -12.22 -14.72 23.92
CA ILE L 43 -12.44 -13.28 24.00
C ILE L 43 -13.89 -12.93 24.33
N LYS L 44 -14.75 -13.94 24.53
CA LYS L 44 -16.16 -13.67 24.69
C LYS L 44 -16.48 -12.99 26.02
N LYS L 45 -17.54 -12.22 26.04
CA LYS L 45 -17.95 -11.47 27.21
C LYS L 45 -19.29 -11.98 27.73
N CYS L 46 -19.47 -11.86 29.04
CA CYS L 46 -20.71 -12.23 29.67
C CYS L 46 -21.67 -11.07 29.64
N CYS L 47 -22.71 -11.17 28.81
CA CYS L 47 -23.61 -10.04 28.60
C CYS L 47 -25.06 -10.41 28.88
N GLU L 48 -25.88 -9.42 29.17
CA GLU L 48 -27.33 -9.62 29.23
C GLU L 48 -27.84 -9.97 27.82
N GLY L 49 -28.28 -11.21 27.65
CA GLY L 49 -28.79 -11.71 26.37
C GLY L 49 -30.31 -11.67 26.30
N SER L 50 -30.89 -12.51 25.43
CA SER L 50 -32.34 -12.58 25.25
C SER L 50 -33.04 -13.24 26.44
N CYS L 51 -32.36 -14.16 27.07
CA CYS L 51 -32.92 -14.83 28.24
C CYS L 51 -31.81 -15.12 29.21
N GLY L 52 -31.41 -14.08 29.93
CA GLY L 52 -30.33 -14.16 30.91
C GLY L 52 -28.95 -13.89 30.37
N MET L 53 -27.96 -13.94 31.25
CA MET L 53 -26.58 -13.69 30.87
C MET L 53 -26.10 -14.82 29.97
N ALA L 54 -25.21 -14.49 29.04
CA ALA L 54 -24.59 -15.50 28.20
C ALA L 54 -23.31 -14.95 27.59
N CYS L 55 -22.58 -15.83 26.94
CA CYS L 55 -21.31 -15.51 26.35
C CYS L 55 -21.45 -15.00 24.89
N PHE L 56 -20.96 -13.79 24.61
CA PHE L 56 -21.00 -13.20 23.27
C PHE L 56 -19.64 -12.78 22.80
N VAL L 57 -19.42 -12.93 21.51
CA VAL L 57 -18.31 -12.25 20.84
C VAL L 57 -18.69 -10.78 20.84
N PRO L 58 -17.86 -9.92 21.44
CA PRO L 58 -18.23 -8.51 21.45
C PRO L 58 -17.95 -7.87 20.11
N GLN L 59 -18.61 -6.75 19.85
CA GLN L 59 -18.37 -5.99 18.63
C GLN L 59 -17.16 -5.07 18.77
N PRO M 10 -2.10 2.18 -9.68
CA PRO M 10 -1.06 2.74 -10.53
C PRO M 10 -1.20 2.29 -12.01
N VAL M 11 -2.05 2.99 -12.77
CA VAL M 11 -2.53 2.51 -14.08
C VAL M 11 -2.62 3.67 -15.10
N SER M 12 -2.85 3.35 -16.38
CA SER M 12 -2.63 4.31 -17.49
C SER M 12 -3.93 4.78 -18.18
N THR M 13 -5.07 4.55 -17.53
CA THR M 13 -6.37 4.60 -18.19
C THR M 13 -7.28 5.61 -17.49
N LYS M 14 -8.16 6.24 -18.26
CA LYS M 14 -9.06 7.26 -17.76
C LYS M 14 -10.50 6.83 -17.98
N PRO M 15 -11.44 7.47 -17.26
CA PRO M 15 -12.85 7.10 -17.41
C PRO M 15 -13.46 7.60 -18.72
N GLY M 16 -14.59 7.02 -19.10
CA GLY M 16 -15.30 7.43 -20.31
C GLY M 16 -14.84 6.68 -21.55
N SER M 17 -15.53 6.93 -22.65
CA SER M 17 -15.35 6.15 -23.86
C SER M 17 -14.65 6.96 -24.95
N CYS M 18 -13.79 6.28 -25.71
CA CYS M 18 -13.31 6.79 -26.99
C CYS M 18 -14.48 7.13 -27.95
N PRO M 19 -14.38 8.24 -28.70
CA PRO M 19 -15.45 8.46 -29.67
C PRO M 19 -15.32 7.49 -30.81
N ILE M 20 -16.44 7.22 -31.49
CA ILE M 20 -16.47 6.28 -32.59
C ILE M 20 -16.12 7.04 -33.87
N ILE M 21 -14.95 6.74 -34.44
CA ILE M 21 -14.52 7.30 -35.72
C ILE M 21 -14.73 6.24 -36.80
N LEU M 22 -15.51 6.55 -37.83
CA LEU M 22 -15.92 5.55 -38.81
C LEU M 22 -14.90 5.35 -39.95
N ILE M 23 -14.09 6.38 -40.21
CA ILE M 23 -13.18 6.42 -41.38
C ILE M 23 -11.75 6.09 -40.98
N ARG M 24 -11.00 5.50 -41.89
CA ARG M 24 -9.63 5.11 -41.61
C ARG M 24 -8.82 5.31 -42.87
N CYS M 25 -7.74 6.07 -42.73
CA CYS M 25 -6.80 6.30 -43.80
C CYS M 25 -6.13 4.97 -44.18
N ALA M 26 -5.73 4.88 -45.44
CA ALA M 26 -5.04 3.70 -45.97
C ALA M 26 -3.57 3.59 -45.56
N MET M 27 -2.97 4.65 -45.06
CA MET M 27 -1.58 4.59 -44.63
C MET M 27 -1.38 3.41 -43.70
N LEU M 28 -0.29 2.68 -43.92
CA LEU M 28 -0.08 1.44 -43.22
C LEU M 28 0.14 1.65 -41.71
N ASN M 29 1.29 2.21 -41.33
CA ASN M 29 1.58 2.44 -39.90
C ASN M 29 1.61 3.95 -39.61
N PRO M 30 0.44 4.56 -39.48
CA PRO M 30 0.46 6.00 -39.33
C PRO M 30 1.08 6.38 -37.98
N PRO M 31 1.68 7.59 -37.89
CA PRO M 31 2.30 8.02 -36.64
C PRO M 31 1.28 8.22 -35.54
N ASN M 32 1.67 7.84 -34.32
CA ASN M 32 0.83 8.01 -33.15
C ASN M 32 1.25 9.24 -32.29
N ARG M 33 0.27 10.07 -31.96
CA ARG M 33 0.49 11.28 -31.14
C ARG M 33 0.47 10.96 -29.65
N CYS M 34 0.02 9.76 -29.30
CA CYS M 34 -0.08 9.30 -27.92
C CYS M 34 -0.17 7.78 -27.93
N LEU M 35 0.24 7.11 -26.84
CA LEU M 35 0.09 5.64 -26.73
C LEU M 35 -0.86 5.17 -25.62
N LYS M 36 -0.93 5.92 -24.52
CA LYS M 36 -1.81 5.58 -23.41
C LYS M 36 -2.54 6.85 -23.02
N ASP M 37 -3.70 6.73 -22.40
CA ASP M 37 -4.51 7.90 -22.00
C ASP M 37 -3.74 9.00 -21.26
N THR M 38 -2.91 8.59 -20.30
CA THR M 38 -2.18 9.54 -19.47
C THR M 38 -1.11 10.28 -20.27
N ASP M 39 -0.86 9.87 -21.52
CA ASP M 39 -0.03 10.67 -22.44
C ASP M 39 -0.70 11.99 -22.81
N CYS M 40 -2.02 12.07 -22.59
CA CYS M 40 -2.86 13.18 -23.06
C CYS M 40 -3.24 14.10 -21.90
N PRO M 41 -3.37 15.41 -22.18
CA PRO M 41 -3.74 16.33 -21.12
C PRO M 41 -5.15 16.14 -20.61
N GLY M 42 -5.39 16.58 -19.38
CA GLY M 42 -6.72 16.66 -18.83
C GLY M 42 -7.45 15.33 -18.70
N ILE M 43 -8.71 15.32 -19.13
CA ILE M 43 -9.54 14.12 -19.08
C ILE M 43 -9.42 13.30 -20.35
N LYS M 44 -8.65 13.80 -21.32
CA LYS M 44 -8.69 13.31 -22.68
C LYS M 44 -8.06 11.93 -22.82
N LYS M 45 -8.65 11.11 -23.69
CA LYS M 45 -8.23 9.72 -23.84
C LYS M 45 -7.38 9.58 -25.10
N CYS M 46 -6.52 8.57 -25.11
CA CYS M 46 -5.77 8.21 -26.33
C CYS M 46 -6.57 7.17 -27.13
N CYS M 47 -6.97 7.55 -28.34
CA CYS M 47 -7.91 6.76 -29.12
C CYS M 47 -7.43 6.65 -30.55
N GLU M 48 -7.66 5.49 -31.16
CA GLU M 48 -7.58 5.35 -32.61
C GLU M 48 -8.43 6.41 -33.29
N GLY M 49 -7.78 7.31 -34.03
CA GLY M 49 -8.47 8.26 -34.90
C GLY M 49 -8.65 7.75 -36.32
N SER M 50 -8.85 8.68 -37.24
CA SER M 50 -8.95 8.39 -38.65
C SER M 50 -7.61 7.91 -39.20
N CYS M 51 -6.52 8.31 -38.57
CA CYS M 51 -5.23 8.01 -39.13
C CYS M 51 -4.18 8.08 -38.08
N GLY M 52 -4.23 7.13 -37.16
CA GLY M 52 -3.29 7.07 -36.06
C GLY M 52 -3.92 7.45 -34.75
N MET M 53 -3.20 7.20 -33.69
CA MET M 53 -3.67 7.50 -32.34
C MET M 53 -3.52 8.97 -32.02
N ALA M 54 -4.54 9.53 -31.36
CA ALA M 54 -4.58 10.94 -30.97
C ALA M 54 -5.44 11.11 -29.71
N CYS M 55 -5.45 12.34 -29.15
CA CYS M 55 -6.10 12.64 -27.87
C CYS M 55 -7.50 13.16 -28.09
N PHE M 56 -8.46 12.58 -27.41
CA PHE M 56 -9.85 12.98 -27.60
C PHE M 56 -10.54 13.26 -26.30
N VAL M 57 -11.43 14.23 -26.34
CA VAL M 57 -12.43 14.40 -25.31
C VAL M 57 -13.27 13.12 -25.31
N PRO M 58 -13.42 12.47 -24.14
CA PRO M 58 -14.26 11.27 -24.09
C PRO M 58 -15.74 11.63 -24.28
N GLN M 59 -16.54 10.65 -24.72
CA GLN M 59 -18.00 10.84 -24.82
C GLN M 59 -18.63 10.62 -23.45
N PRO N 10 -12.28 20.26 -15.16
CA PRO N 10 -11.52 21.50 -14.93
C PRO N 10 -12.18 22.72 -15.60
N VAL N 11 -12.17 23.86 -14.92
CA VAL N 11 -12.47 25.18 -15.57
C VAL N 11 -11.17 26.00 -15.63
N SER N 12 -10.72 26.30 -16.85
CA SER N 12 -9.40 26.87 -17.10
C SER N 12 -9.47 28.39 -17.36
N THR N 13 -9.47 29.19 -16.30
CA THR N 13 -9.53 30.65 -16.43
C THR N 13 -8.14 31.31 -16.39
N LYS N 14 -7.18 30.76 -15.63
CA LYS N 14 -5.85 31.39 -15.48
C LYS N 14 -4.86 31.02 -16.60
N PRO N 15 -3.92 31.91 -16.88
CA PRO N 15 -2.88 31.64 -17.86
C PRO N 15 -1.94 30.45 -17.53
N GLY N 16 -1.30 29.92 -18.56
CA GLY N 16 -0.36 28.82 -18.46
C GLY N 16 -0.99 27.45 -18.67
N SER N 17 -0.16 26.40 -18.65
CA SER N 17 -0.63 25.04 -18.93
C SER N 17 -0.52 24.13 -17.72
N CYS N 18 -1.51 23.25 -17.58
CA CYS N 18 -1.40 22.11 -16.67
C CYS N 18 -0.28 21.19 -17.11
N PRO N 19 0.55 20.70 -16.15
CA PRO N 19 1.40 19.55 -16.44
C PRO N 19 0.55 18.29 -16.53
N ILE N 20 1.12 17.21 -17.07
CA ILE N 20 0.40 15.94 -17.15
C ILE N 20 1.06 14.96 -16.20
N ILE N 21 0.24 14.29 -15.40
CA ILE N 21 0.69 13.24 -14.52
C ILE N 21 0.40 11.93 -15.23
N LEU N 22 1.41 11.07 -15.28
CA LEU N 22 1.41 9.95 -16.20
C LEU N 22 0.83 8.66 -15.57
N ILE N 23 0.29 8.78 -14.36
CA ILE N 23 -0.41 7.67 -13.69
C ILE N 23 -1.73 8.17 -13.14
N ARG N 24 -2.73 7.28 -13.03
CA ARG N 24 -3.96 7.57 -12.30
C ARG N 24 -4.23 6.46 -11.30
N CYS N 25 -5.01 6.76 -10.28
CA CYS N 25 -5.53 5.74 -9.41
C CYS N 25 -6.72 5.06 -10.12
N ALA N 26 -7.01 3.82 -9.74
CA ALA N 26 -8.01 3.01 -10.45
C ALA N 26 -9.45 3.56 -10.35
N MET N 27 -9.77 4.22 -9.25
CA MET N 27 -11.17 4.45 -8.87
C MET N 27 -11.94 5.43 -9.78
N LEU N 28 -13.25 5.22 -9.86
CA LEU N 28 -14.15 6.19 -10.45
C LEU N 28 -14.56 7.22 -9.39
N ASN N 29 -14.63 8.50 -9.79
CA ASN N 29 -14.87 9.64 -8.87
C ASN N 29 -13.86 9.71 -7.73
N PRO N 30 -12.59 9.93 -8.08
CA PRO N 30 -11.61 10.32 -7.09
C PRO N 30 -11.95 11.67 -6.47
N PRO N 31 -11.54 11.88 -5.21
CA PRO N 31 -11.80 13.17 -4.59
C PRO N 31 -10.94 14.26 -5.24
N ASN N 32 -11.46 15.48 -5.23
CA ASN N 32 -10.82 16.63 -5.80
C ASN N 32 -10.49 17.64 -4.72
N ARG N 33 -9.35 18.32 -4.89
CA ARG N 33 -8.92 19.42 -3.99
C ARG N 33 -9.36 20.76 -4.54
N CYS N 34 -9.77 20.75 -5.81
CA CYS N 34 -10.26 21.93 -6.48
C CYS N 34 -11.14 21.49 -7.66
N LEU N 35 -12.00 22.40 -8.11
CA LEU N 35 -12.75 22.19 -9.37
C LEU N 35 -12.43 23.20 -10.46
N LYS N 36 -11.85 24.33 -10.10
CA LYS N 36 -11.53 25.34 -11.08
C LYS N 36 -10.35 26.20 -10.60
N ASP N 37 -9.81 26.97 -11.52
CA ASP N 37 -8.55 27.62 -11.30
C ASP N 37 -8.61 28.55 -10.11
N THR N 38 -9.74 29.22 -9.92
CA THR N 38 -9.87 30.23 -8.87
C THR N 38 -9.91 29.61 -7.48
N ASP N 39 -10.24 28.32 -7.38
CA ASP N 39 -10.11 27.58 -6.11
C ASP N 39 -8.65 27.44 -5.67
N CYS N 40 -7.71 27.57 -6.60
CA CYS N 40 -6.29 27.49 -6.30
C CYS N 40 -5.68 28.87 -6.05
N PRO N 41 -4.61 28.93 -5.23
CA PRO N 41 -4.04 30.22 -4.86
C PRO N 41 -3.16 30.80 -5.94
N GLY N 42 -3.23 32.12 -6.09
CA GLY N 42 -2.41 32.86 -7.04
C GLY N 42 -2.40 32.27 -8.43
N ILE N 43 -1.18 32.00 -8.92
CA ILE N 43 -0.99 31.59 -10.30
C ILE N 43 -1.35 30.15 -10.58
N LYS N 44 -1.61 29.38 -9.53
CA LYS N 44 -1.85 27.95 -9.69
C LYS N 44 -3.18 27.63 -10.36
N LYS N 45 -3.14 26.61 -11.20
CA LYS N 45 -4.30 26.11 -11.92
C LYS N 45 -4.80 24.83 -11.28
N CYS N 46 -6.11 24.58 -11.41
CA CYS N 46 -6.69 23.30 -11.05
C CYS N 46 -6.42 22.31 -12.19
N CYS N 47 -5.74 21.21 -11.89
CA CYS N 47 -5.34 20.25 -12.90
C CYS N 47 -5.62 18.85 -12.43
N GLU N 48 -5.70 17.95 -13.39
CA GLU N 48 -5.97 16.56 -13.14
C GLU N 48 -4.64 16.02 -12.63
N GLY N 49 -4.65 15.41 -11.44
CA GLY N 49 -3.45 14.82 -10.85
C GLY N 49 -3.56 13.30 -10.79
N SER N 50 -2.71 12.68 -9.98
CA SER N 50 -2.59 11.23 -9.95
C SER N 50 -3.87 10.60 -9.47
N CYS N 51 -4.64 11.32 -8.67
CA CYS N 51 -5.89 10.79 -8.18
C CYS N 51 -6.83 11.89 -7.73
N GLY N 52 -7.43 12.55 -8.69
CA GLY N 52 -8.25 13.71 -8.43
C GLY N 52 -7.59 14.98 -8.92
N MET N 53 -8.37 16.05 -9.00
CA MET N 53 -7.85 17.33 -9.35
C MET N 53 -7.08 17.95 -8.16
N ALA N 54 -6.01 18.67 -8.49
CA ALA N 54 -5.24 19.38 -7.51
C ALA N 54 -4.62 20.62 -8.16
N CYS N 55 -4.03 21.47 -7.33
CA CYS N 55 -3.53 22.78 -7.72
C CYS N 55 -2.05 22.64 -8.15
N PHE N 56 -1.68 23.22 -9.27
CA PHE N 56 -0.32 23.11 -9.76
C PHE N 56 0.15 24.45 -10.27
N VAL N 57 1.44 24.70 -10.11
CA VAL N 57 2.06 25.79 -10.82
C VAL N 57 2.08 25.41 -12.29
N PRO N 58 1.60 26.31 -13.16
CA PRO N 58 1.52 26.03 -14.58
C PRO N 58 2.86 25.93 -15.26
N GLN N 59 2.90 25.20 -16.37
CA GLN N 59 3.99 25.31 -17.33
C GLN N 59 3.77 26.48 -18.29
N PRO O 10 14.04 6.58 29.61
CA PRO O 10 14.32 8.03 29.52
C PRO O 10 15.65 8.43 30.20
N VAL O 11 15.95 9.72 30.17
CA VAL O 11 16.84 10.34 31.17
C VAL O 11 16.23 11.67 31.57
N SER O 12 16.01 11.84 32.87
CA SER O 12 15.01 12.78 33.39
C SER O 12 15.68 14.01 34.05
N THR O 13 16.38 14.81 33.26
CA THR O 13 17.05 15.99 33.78
C THR O 13 16.08 17.16 34.11
N LYS O 14 14.99 17.31 33.33
CA LYS O 14 14.12 18.49 33.48
C LYS O 14 13.04 18.26 34.53
N PRO O 15 12.56 19.35 35.15
CA PRO O 15 11.51 19.21 36.15
C PRO O 15 10.20 18.82 35.52
N GLY O 16 9.22 18.50 36.36
CA GLY O 16 7.94 18.00 35.94
C GLY O 16 7.90 16.49 35.82
N SER O 17 6.69 15.97 35.51
CA SER O 17 6.43 14.52 35.42
C SER O 17 5.90 14.09 34.03
N CYS O 18 6.28 12.90 33.59
CA CYS O 18 5.77 12.38 32.32
C CYS O 18 4.27 12.10 32.43
N PRO O 19 3.49 12.44 31.39
CA PRO O 19 2.11 11.94 31.34
C PRO O 19 2.09 10.42 31.18
N ILE O 20 0.99 9.79 31.57
CA ILE O 20 0.86 8.36 31.43
C ILE O 20 0.07 8.10 30.16
N ILE O 21 0.69 7.40 29.20
CA ILE O 21 -0.02 6.98 27.98
C ILE O 21 -0.47 5.55 28.13
N LEU O 22 -1.74 5.28 27.78
CA LEU O 22 -2.37 3.96 27.99
C LEU O 22 -2.61 3.17 26.66
N ILE O 23 -1.64 3.21 25.76
CA ILE O 23 -1.53 2.21 24.71
C ILE O 23 -0.08 2.14 24.29
N ARG O 24 0.51 0.96 24.34
CA ARG O 24 1.77 0.69 23.68
C ARG O 24 1.45 0.04 22.36
N CYS O 25 2.39 0.12 21.43
CA CYS O 25 2.38 -0.76 20.26
C CYS O 25 2.95 -2.09 20.71
N ALA O 26 2.64 -3.14 19.96
CA ALA O 26 3.04 -4.50 20.31
C ALA O 26 4.42 -4.83 19.73
N MET O 27 5.44 -4.14 20.19
CA MET O 27 6.71 -4.14 19.47
C MET O 27 7.84 -4.21 20.46
N LEU O 28 8.88 -4.96 20.11
CA LEU O 28 10.01 -5.20 20.98
C LEU O 28 10.80 -3.90 21.19
N ASN O 29 11.34 -3.33 20.12
CA ASN O 29 12.12 -2.08 20.22
C ASN O 29 11.61 -0.97 19.29
N PRO O 30 10.62 -0.20 19.76
CA PRO O 30 9.99 0.82 18.91
C PRO O 30 10.95 1.95 18.58
N PRO O 31 10.70 2.68 17.49
CA PRO O 31 11.56 3.82 17.24
C PRO O 31 11.36 4.90 18.31
N ASN O 32 12.38 5.72 18.54
CA ASN O 32 12.36 6.73 19.56
C ASN O 32 12.67 8.07 18.95
N ARG O 33 11.82 9.06 19.23
CA ARG O 33 12.01 10.40 18.74
C ARG O 33 13.02 11.14 19.62
N CYS O 34 13.28 10.58 20.80
CA CYS O 34 14.16 11.19 21.76
C CYS O 34 14.69 10.14 22.74
N LEU O 35 15.76 10.45 23.45
CA LEU O 35 16.32 9.53 24.46
C LEU O 35 16.51 10.19 25.83
N LYS O 36 16.86 11.46 25.84
CA LYS O 36 17.02 12.21 27.06
C LYS O 36 16.13 13.45 26.99
N ASP O 37 15.78 14.00 28.14
CA ASP O 37 14.95 15.19 28.21
C ASP O 37 15.51 16.31 27.35
N THR O 38 16.84 16.39 27.25
CA THR O 38 17.48 17.46 26.54
C THR O 38 17.35 17.34 25.00
N ASP O 39 17.03 16.14 24.51
CA ASP O 39 16.70 15.96 23.09
C ASP O 39 15.39 16.66 22.71
N CYS O 40 14.58 17.01 23.70
CA CYS O 40 13.31 17.70 23.49
C CYS O 40 13.43 19.20 23.66
N PRO O 41 12.53 19.98 23.02
CA PRO O 41 12.64 21.43 23.06
C PRO O 41 12.07 22.01 24.33
N GLY O 42 12.72 23.05 24.85
CA GLY O 42 12.18 23.84 25.97
C GLY O 42 11.90 23.01 27.21
N ILE O 43 10.71 23.21 27.79
CA ILE O 43 10.29 22.50 29.00
C ILE O 43 9.87 21.04 28.79
N LYS O 44 9.81 20.57 27.53
CA LYS O 44 9.31 19.23 27.24
C LYS O 44 10.28 18.15 27.67
N LYS O 45 9.71 17.01 28.06
CA LYS O 45 10.47 15.86 28.55
C LYS O 45 10.32 14.70 27.59
N CYS O 46 11.26 13.77 27.67
CA CYS O 46 11.24 12.54 26.88
C CYS O 46 10.55 11.43 27.67
N CYS O 47 9.43 10.98 27.16
CA CYS O 47 8.53 10.08 27.87
C CYS O 47 8.11 8.93 26.95
N GLU O 48 7.77 7.78 27.52
CA GLU O 48 7.25 6.69 26.75
C GLU O 48 5.90 7.13 26.16
N GLY O 49 5.75 6.96 24.85
CA GLY O 49 4.53 7.32 24.17
C GLY O 49 3.79 6.10 23.67
N SER O 50 2.80 6.35 22.82
CA SER O 50 2.00 5.28 22.23
C SER O 50 2.86 4.22 21.52
N CYS O 51 3.98 4.65 20.94
CA CYS O 51 4.90 3.70 20.36
C CYS O 51 6.32 4.21 20.32
N GLY O 52 7.00 4.07 21.44
CA GLY O 52 8.36 4.57 21.60
C GLY O 52 8.36 5.93 22.26
N MET O 53 9.56 6.49 22.43
CA MET O 53 9.74 7.71 23.24
C MET O 53 9.48 8.94 22.42
N ALA O 54 8.83 9.93 23.03
CA ALA O 54 8.54 11.18 22.38
C ALA O 54 8.52 12.31 23.40
N CYS O 55 8.42 13.52 22.89
CA CYS O 55 8.56 14.74 23.66
C CYS O 55 7.17 15.20 24.11
N PHE O 56 7.06 15.58 25.38
CA PHE O 56 5.77 15.94 25.96
C PHE O 56 5.92 17.14 26.89
N VAL O 57 4.90 17.98 26.92
CA VAL O 57 4.75 18.93 28.00
C VAL O 57 4.59 18.15 29.33
N PRO O 58 5.36 18.56 30.35
CA PRO O 58 5.36 17.79 31.60
C PRO O 58 4.16 18.11 32.46
N GLN O 59 4.03 17.38 33.56
CA GLN O 59 2.97 17.60 34.56
C GLN O 59 3.51 17.60 35.98
N SER P 12 27.96 9.49 13.74
CA SER P 12 28.51 9.52 12.35
C SER P 12 28.33 10.88 11.64
N THR P 13 29.42 11.37 11.06
CA THR P 13 29.46 12.62 10.33
C THR P 13 30.30 12.39 9.09
N LYS P 14 29.80 12.85 7.94
CA LYS P 14 30.51 12.70 6.68
C LYS P 14 31.60 13.75 6.53
N PRO P 15 32.67 13.41 5.80
CA PRO P 15 33.75 14.39 5.57
C PRO P 15 33.30 15.57 4.70
N GLY P 16 34.06 16.66 4.77
CA GLY P 16 33.78 17.86 4.02
C GLY P 16 33.03 18.89 4.84
N SER P 17 32.68 19.98 4.17
CA SER P 17 32.11 21.14 4.84
C SER P 17 30.83 21.55 4.15
N CYS P 18 29.80 21.84 4.95
CA CYS P 18 28.53 22.38 4.44
C CYS P 18 28.76 23.67 3.69
N PRO P 19 28.15 23.85 2.50
CA PRO P 19 28.03 25.23 2.00
C PRO P 19 27.19 26.09 2.97
N ILE P 20 27.66 27.30 3.22
CA ILE P 20 26.96 28.23 4.10
C ILE P 20 26.02 29.09 3.25
N ILE P 21 24.72 28.88 3.37
CA ILE P 21 23.75 29.58 2.52
C ILE P 21 23.51 30.96 3.14
N LEU P 22 23.36 31.96 2.28
CA LEU P 22 23.49 33.36 2.71
C LEU P 22 22.16 34.06 2.75
N ILE P 23 21.13 33.46 2.14
CA ILE P 23 19.75 33.90 2.29
C ILE P 23 18.89 32.72 2.76
N ARG P 24 18.29 32.86 3.93
CA ARG P 24 17.45 31.84 4.55
C ARG P 24 16.10 32.48 4.89
N CYS P 25 15.07 31.65 5.10
CA CYS P 25 13.80 32.12 5.65
C CYS P 25 13.85 32.25 7.17
N ALA P 26 13.15 33.24 7.69
CA ALA P 26 13.07 33.45 9.13
C ALA P 26 11.76 32.92 9.72
N MET P 27 11.35 31.75 9.28
CA MET P 27 10.32 30.98 9.98
C MET P 27 10.87 30.45 11.27
N LEU P 28 10.00 30.20 12.24
CA LEU P 28 10.41 29.51 13.46
C LEU P 28 10.82 28.07 13.20
N ASN P 29 10.02 27.35 12.41
CA ASN P 29 10.31 25.94 12.13
C ASN P 29 10.25 25.67 10.64
N PRO P 30 11.30 26.08 9.91
CA PRO P 30 11.28 25.75 8.49
C PRO P 30 11.37 24.23 8.28
N PRO P 31 10.93 23.76 7.12
CA PRO P 31 10.77 22.32 6.92
C PRO P 31 12.07 21.61 6.57
N ASN P 32 12.48 20.66 7.41
CA ASN P 32 13.76 19.97 7.23
C ASN P 32 13.56 18.71 6.44
N ARG P 33 14.42 18.50 5.45
CA ARG P 33 14.39 17.31 4.61
C ARG P 33 15.37 16.27 5.12
N CYS P 34 16.27 16.69 5.99
CA CYS P 34 17.22 15.77 6.65
C CYS P 34 17.49 16.33 8.04
N LEU P 35 17.97 15.49 8.93
CA LEU P 35 18.41 15.97 10.25
C LEU P 35 19.88 15.69 10.52
N LYS P 36 20.49 14.76 9.77
CA LYS P 36 21.94 14.50 9.88
C LYS P 36 22.47 13.93 8.56
N ASP P 37 23.79 13.94 8.40
CA ASP P 37 24.40 13.61 7.11
C ASP P 37 23.96 12.22 6.59
N THR P 38 23.87 11.29 7.52
CA THR P 38 23.33 9.94 7.30
C THR P 38 21.97 9.87 6.60
N ASP P 39 21.13 10.89 6.81
CA ASP P 39 19.84 11.01 6.13
C ASP P 39 19.94 11.37 4.64
N CYS P 40 21.14 11.73 4.20
CA CYS P 40 21.39 12.20 2.87
C CYS P 40 22.14 11.11 2.12
N PRO P 41 21.91 11.02 0.80
CA PRO P 41 22.60 10.02 -0.03
C PRO P 41 24.05 10.38 -0.36
N GLY P 42 24.80 9.36 -0.75
CA GLY P 42 26.14 9.52 -1.25
C GLY P 42 27.02 10.23 -0.25
N ILE P 43 27.73 11.24 -0.74
CA ILE P 43 28.64 12.02 0.05
C ILE P 43 27.98 13.25 0.68
N LYS P 44 26.68 13.45 0.46
CA LYS P 44 26.02 14.72 0.77
C LYS P 44 25.82 14.90 2.26
N LYS P 45 25.95 16.13 2.73
CA LYS P 45 25.79 16.48 4.12
C LYS P 45 24.49 17.23 4.32
N CYS P 46 24.07 17.31 5.58
CA CYS P 46 22.84 17.95 5.98
C CYS P 46 23.19 19.33 6.48
N CYS P 47 22.71 20.35 5.77
CA CYS P 47 23.14 21.71 5.99
C CYS P 47 21.93 22.61 6.03
N GLU P 48 22.07 23.76 6.69
CA GLU P 48 21.04 24.78 6.63
C GLU P 48 20.84 25.20 5.18
N GLY P 49 19.60 25.14 4.72
CA GLY P 49 19.25 25.48 3.35
C GLY P 49 18.50 26.80 3.31
N SER P 50 17.90 27.08 2.17
CA SER P 50 17.19 28.32 1.94
C SER P 50 16.00 28.45 2.85
N CYS P 51 15.31 27.34 3.07
CA CYS P 51 14.25 27.33 4.02
C CYS P 51 14.08 25.93 4.53
N GLY P 52 14.96 25.57 5.46
CA GLY P 52 15.00 24.24 6.06
C GLY P 52 16.30 23.51 5.76
N MET P 53 16.67 22.57 6.61
CA MET P 53 17.83 21.71 6.32
C MET P 53 17.58 20.83 5.15
N ALA P 54 18.65 20.59 4.40
CA ALA P 54 18.59 19.86 3.13
C ALA P 54 19.97 19.31 2.82
N CYS P 55 20.03 18.42 1.83
CA CYS P 55 21.25 17.69 1.51
C CYS P 55 22.06 18.49 0.50
N PHE P 56 23.36 18.60 0.74
CA PHE P 56 24.27 19.32 -0.16
C PHE P 56 25.56 18.58 -0.37
N VAL P 57 26.10 18.71 -1.57
CA VAL P 57 27.48 18.35 -1.83
C VAL P 57 28.37 19.20 -0.92
N PRO P 58 29.35 18.57 -0.24
CA PRO P 58 30.26 19.40 0.54
C PRO P 58 31.07 20.33 -0.36
N GLN P 59 31.31 21.55 0.14
CA GLN P 59 32.08 22.58 -0.59
C GLN P 59 33.56 22.22 -0.60
N SER Q 12 -23.98 24.88 2.32
CA SER Q 12 -23.14 24.08 3.25
C SER Q 12 -22.85 24.79 4.59
N THR Q 13 -23.73 25.73 4.99
CA THR Q 13 -23.45 26.67 6.11
C THR Q 13 -24.58 26.65 7.17
N LYS Q 14 -24.21 26.37 8.42
CA LYS Q 14 -25.19 26.18 9.50
C LYS Q 14 -25.71 27.50 10.04
N PRO Q 15 -26.84 27.47 10.77
CA PRO Q 15 -27.31 28.68 11.44
C PRO Q 15 -26.43 29.08 12.61
N GLY Q 16 -26.46 30.38 12.91
CA GLY Q 16 -25.71 30.94 14.01
C GLY Q 16 -24.63 31.91 13.53
N SER Q 17 -23.99 32.55 14.49
CA SER Q 17 -22.86 33.42 14.24
C SER Q 17 -21.61 32.79 14.82
N CYS Q 18 -20.50 32.90 14.09
CA CYS Q 18 -19.18 32.56 14.65
C CYS Q 18 -18.85 33.49 15.83
N PRO Q 19 -18.42 32.91 16.96
CA PRO Q 19 -17.71 33.73 17.95
C PRO Q 19 -16.45 34.37 17.37
N ILE Q 20 -16.12 35.56 17.85
CA ILE Q 20 -15.03 36.33 17.29
C ILE Q 20 -13.88 36.35 18.29
N ILE Q 21 -12.73 35.82 17.84
CA ILE Q 21 -11.57 35.71 18.71
C ILE Q 21 -10.76 36.96 18.54
N LEU Q 22 -10.29 37.50 19.65
CA LEU Q 22 -9.74 38.83 19.65
C LEU Q 22 -8.20 38.84 19.52
N ILE Q 23 -7.58 37.68 19.73
CA ILE Q 23 -6.16 37.53 19.64
C ILE Q 23 -5.90 36.34 18.73
N ARG Q 24 -5.22 36.56 17.62
CA ARG Q 24 -4.85 35.44 16.77
C ARG Q 24 -3.45 35.54 16.21
N CYS Q 25 -2.90 34.39 15.83
CA CYS Q 25 -1.55 34.35 15.32
C CYS Q 25 -1.56 34.98 13.96
N ALA Q 26 -0.40 35.48 13.56
CA ALA Q 26 -0.26 36.14 12.29
C ALA Q 26 0.72 35.38 11.39
N MET Q 27 0.80 34.09 11.57
CA MET Q 27 1.57 33.29 10.64
C MET Q 27 0.79 33.19 9.34
N LEU Q 28 1.51 33.02 8.24
CA LEU Q 28 0.89 33.05 6.90
C LEU Q 28 -0.16 31.98 6.72
N ASN Q 29 0.11 30.77 7.21
CA ASN Q 29 -0.79 29.62 7.01
C ASN Q 29 -0.99 28.83 8.30
N PRO Q 30 -1.79 29.37 9.21
CA PRO Q 30 -2.07 28.59 10.43
C PRO Q 30 -2.87 27.33 10.13
N PRO Q 31 -2.68 26.28 10.93
CA PRO Q 31 -3.30 25.01 10.67
C PRO Q 31 -4.82 25.05 10.89
N ASN Q 32 -5.56 24.71 9.86
CA ASN Q 32 -7.00 24.68 9.90
C ASN Q 32 -7.52 23.29 10.28
N ARG Q 33 -8.40 23.25 11.26
CA ARG Q 33 -8.95 21.96 11.71
C ARG Q 33 -10.28 21.69 11.03
N CYS Q 34 -10.80 22.72 10.38
CA CYS Q 34 -11.99 22.60 9.58
C CYS Q 34 -11.88 23.63 8.51
N LEU Q 35 -12.59 23.40 7.42
CA LEU Q 35 -12.62 24.31 6.30
C LEU Q 35 -14.01 24.86 6.04
N LYS Q 36 -15.04 24.18 6.53
CA LYS Q 36 -16.42 24.66 6.42
C LYS Q 36 -17.26 24.06 7.55
N ASP Q 37 -18.50 24.53 7.70
CA ASP Q 37 -19.33 24.15 8.84
C ASP Q 37 -19.59 22.65 8.84
N THR Q 38 -19.76 22.06 7.66
CA THR Q 38 -20.05 20.64 7.55
C THR Q 38 -18.92 19.75 8.03
N ASP Q 39 -17.69 20.27 8.11
CA ASP Q 39 -16.57 19.51 8.68
C ASP Q 39 -16.65 19.44 10.19
N CYS Q 40 -17.53 20.24 10.78
CA CYS Q 40 -17.66 20.31 12.23
C CYS Q 40 -18.86 19.51 12.71
N PRO Q 41 -18.77 18.92 13.91
CA PRO Q 41 -19.90 18.14 14.47
C PRO Q 41 -21.07 19.01 14.98
N GLY Q 42 -22.24 18.39 15.11
CA GLY Q 42 -23.39 19.00 15.80
C GLY Q 42 -23.81 20.31 15.17
N ILE Q 43 -24.10 21.30 16.02
CA ILE Q 43 -24.45 22.64 15.51
C ILE Q 43 -23.23 23.56 15.29
N LYS Q 44 -22.01 23.02 15.46
CA LYS Q 44 -20.79 23.84 15.52
C LYS Q 44 -20.38 24.39 14.15
N LYS Q 45 -19.99 25.66 14.13
CA LYS Q 45 -19.56 26.30 12.91
C LYS Q 45 -18.04 26.32 12.83
N CYS Q 46 -17.54 26.50 11.61
CA CYS Q 46 -16.12 26.60 11.35
C CYS Q 46 -15.71 28.04 11.35
N CYS Q 47 -14.82 28.43 12.25
CA CYS Q 47 -14.57 29.84 12.49
C CYS Q 47 -13.07 30.11 12.59
N GLU Q 48 -12.67 31.34 12.33
CA GLU Q 48 -11.31 31.77 12.67
C GLU Q 48 -11.12 31.65 14.17
N GLY Q 49 -10.10 30.89 14.57
CA GLY Q 49 -9.78 30.66 15.95
C GLY Q 49 -8.45 31.31 16.31
N SER Q 50 -7.85 30.86 17.41
CA SER Q 50 -6.70 31.59 17.97
C SER Q 50 -5.47 31.40 17.08
N CYS Q 51 -5.36 30.23 16.45
CA CYS Q 51 -4.39 30.03 15.40
C CYS Q 51 -4.83 28.93 14.45
N GLY Q 52 -5.55 29.35 13.39
CA GLY Q 52 -6.24 28.44 12.48
C GLY Q 52 -7.74 28.45 12.67
N MET Q 53 -8.48 28.09 11.62
CA MET Q 53 -9.91 27.81 11.73
C MET Q 53 -10.19 26.54 12.54
N ALA Q 54 -11.26 26.59 13.31
CA ALA Q 54 -11.60 25.48 14.22
C ALA Q 54 -13.11 25.46 14.48
N CYS Q 55 -13.60 24.37 15.05
CA CYS Q 55 -15.02 24.21 15.28
C CYS Q 55 -15.42 24.87 16.58
N PHE Q 56 -16.53 25.62 16.53
CA PHE Q 56 -17.05 26.39 17.67
C PHE Q 56 -18.56 26.27 17.74
N VAL Q 57 -19.06 26.16 18.98
CA VAL Q 57 -20.48 26.39 19.29
C VAL Q 57 -20.79 27.83 18.93
N PRO Q 58 -21.85 28.07 18.14
CA PRO Q 58 -22.18 29.44 17.75
C PRO Q 58 -22.81 30.24 18.87
N GLN Q 59 -22.81 31.56 18.71
CA GLN Q 59 -23.41 32.48 19.68
C GLN Q 59 -24.73 33.03 19.15
N VAL R 11 33.71 -1.54 -49.48
CA VAL R 11 32.98 -1.29 -48.19
C VAL R 11 32.72 -2.60 -47.42
N SER R 12 32.69 -2.50 -46.08
CA SER R 12 32.36 -3.64 -45.20
C SER R 12 31.01 -3.44 -44.51
N THR R 13 30.07 -2.80 -45.22
CA THR R 13 28.88 -2.23 -44.61
C THR R 13 27.61 -2.65 -45.37
N LYS R 14 26.64 -3.18 -44.62
CA LYS R 14 25.45 -3.80 -45.17
C LYS R 14 24.25 -2.87 -45.03
N PRO R 15 23.20 -3.08 -45.84
CA PRO R 15 21.99 -2.28 -45.67
C PRO R 15 21.33 -2.52 -44.31
N GLY R 16 20.58 -1.54 -43.82
CA GLY R 16 19.74 -1.71 -42.63
C GLY R 16 20.28 -1.05 -41.37
N SER R 17 19.44 -1.05 -40.34
CA SER R 17 19.75 -0.36 -39.08
C SER R 17 20.19 -1.36 -38.01
N CYS R 18 21.27 -1.01 -37.30
CA CYS R 18 21.55 -1.57 -35.97
C CYS R 18 20.38 -1.38 -35.02
N PRO R 19 20.01 -2.43 -34.27
CA PRO R 19 18.93 -2.26 -33.30
C PRO R 19 19.39 -1.38 -32.15
N ILE R 20 18.43 -0.70 -31.51
CA ILE R 20 18.74 0.16 -30.37
C ILE R 20 18.75 -0.69 -29.10
N ILE R 21 19.91 -0.72 -28.44
CA ILE R 21 20.06 -1.44 -27.18
C ILE R 21 20.25 -0.44 -26.06
N LEU R 22 19.38 -0.49 -25.06
CA LEU R 22 19.31 0.58 -24.06
C LEU R 22 20.26 0.40 -22.85
N ILE R 23 20.82 -0.80 -22.69
CA ILE R 23 21.56 -1.19 -21.47
C ILE R 23 23.02 -1.42 -21.82
N ARG R 24 23.90 -1.15 -20.88
CA ARG R 24 25.32 -1.40 -21.08
C ARG R 24 25.88 -1.93 -19.79
N CYS R 25 26.52 -3.10 -19.90
CA CYS R 25 27.37 -3.60 -18.84
C CYS R 25 28.43 -2.55 -18.50
N ALA R 26 28.92 -2.61 -17.28
CA ALA R 26 29.87 -1.65 -16.74
C ALA R 26 31.33 -2.02 -17.00
N MET R 27 31.60 -3.10 -17.72
CA MET R 27 32.99 -3.53 -17.88
C MET R 27 33.69 -2.67 -18.93
N LEU R 28 34.94 -2.30 -18.63
CA LEU R 28 35.78 -1.60 -19.59
C LEU R 28 36.27 -2.58 -20.66
N ASN R 29 36.11 -2.21 -21.93
CA ASN R 29 36.64 -3.01 -23.04
C ASN R 29 36.06 -4.42 -23.07
N PRO R 30 34.74 -4.52 -23.08
CA PRO R 30 34.22 -5.86 -23.30
C PRO R 30 34.72 -6.42 -24.65
N PRO R 31 34.80 -7.76 -24.76
CA PRO R 31 35.26 -8.37 -26.00
C PRO R 31 34.27 -8.19 -27.13
N ASN R 32 34.80 -8.12 -28.34
CA ASN R 32 34.00 -7.97 -29.52
C ASN R 32 33.97 -9.25 -30.35
N ARG R 33 32.76 -9.73 -30.64
CA ARG R 33 32.56 -10.92 -31.47
C ARG R 33 32.66 -10.60 -32.96
N CYS R 34 32.74 -9.31 -33.29
CA CYS R 34 32.86 -8.85 -34.67
C CYS R 34 33.34 -7.38 -34.66
N LEU R 35 33.92 -6.91 -35.78
CA LEU R 35 34.29 -5.46 -35.93
C LEU R 35 33.57 -4.77 -37.09
N LYS R 36 33.64 -5.35 -38.29
CA LYS R 36 32.88 -4.85 -39.44
C LYS R 36 31.65 -5.72 -39.63
N ASP R 37 30.65 -5.18 -40.32
CA ASP R 37 29.44 -5.95 -40.69
C ASP R 37 29.75 -7.25 -41.45
N THR R 38 30.69 -7.19 -42.39
CA THR R 38 31.03 -8.36 -43.19
C THR R 38 31.80 -9.43 -42.41
N ASP R 39 32.14 -9.16 -41.15
CA ASP R 39 32.56 -10.22 -40.20
C ASP R 39 31.42 -11.15 -39.85
N CYS R 40 30.19 -10.67 -40.05
CA CYS R 40 28.97 -11.39 -39.65
C CYS R 40 28.33 -12.11 -40.83
N PRO R 41 27.69 -13.26 -40.56
CA PRO R 41 27.06 -14.02 -41.65
C PRO R 41 25.81 -13.38 -42.17
N GLY R 42 25.38 -13.79 -43.35
CA GLY R 42 24.09 -13.41 -43.89
C GLY R 42 23.94 -11.90 -44.06
N ILE R 43 22.79 -11.38 -43.64
CA ILE R 43 22.50 -9.93 -43.74
C ILE R 43 22.88 -9.17 -42.47
N LYS R 44 23.40 -9.89 -41.48
CA LYS R 44 23.51 -9.40 -40.11
C LYS R 44 24.61 -8.35 -39.97
N LYS R 45 24.37 -7.35 -39.12
CA LYS R 45 25.31 -6.24 -38.96
C LYS R 45 26.07 -6.38 -37.65
N CYS R 46 27.26 -5.78 -37.61
CA CYS R 46 28.06 -5.70 -36.37
C CYS R 46 27.66 -4.44 -35.60
N CYS R 47 27.10 -4.63 -34.42
CA CYS R 47 26.44 -3.55 -33.70
C CYS R 47 26.90 -3.58 -32.25
N GLU R 48 26.96 -2.39 -31.65
CA GLU R 48 27.16 -2.28 -30.22
C GLU R 48 26.00 -2.97 -29.51
N GLY R 49 26.30 -4.04 -28.78
CA GLY R 49 25.30 -4.70 -27.93
C GLY R 49 25.36 -4.20 -26.49
N SER R 50 24.75 -4.95 -25.59
CA SER R 50 24.78 -4.61 -24.18
C SER R 50 26.19 -4.67 -23.62
N CYS R 51 27.04 -5.49 -24.19
CA CYS R 51 28.33 -5.69 -23.61
C CYS R 51 29.31 -6.13 -24.65
N GLY R 52 29.57 -5.22 -25.57
CA GLY R 52 30.53 -5.46 -26.64
C GLY R 52 29.83 -5.66 -27.96
N MET R 53 30.62 -5.66 -29.01
CA MET R 53 30.10 -5.77 -30.37
C MET R 53 29.65 -7.20 -30.69
N ALA R 54 28.52 -7.31 -31.38
CA ALA R 54 27.98 -8.61 -31.80
C ALA R 54 27.15 -8.48 -33.08
N CYS R 55 26.74 -9.64 -33.64
CA CYS R 55 26.04 -9.68 -34.93
C CYS R 55 24.54 -9.62 -34.72
N PHE R 56 23.86 -8.76 -35.44
CA PHE R 56 22.42 -8.64 -35.27
C PHE R 56 21.68 -8.65 -36.59
N VAL R 57 20.52 -9.27 -36.59
CA VAL R 57 19.52 -9.02 -37.61
C VAL R 57 19.27 -7.51 -37.61
N PRO R 58 19.36 -6.87 -38.79
CA PRO R 58 19.01 -5.44 -38.87
C PRO R 58 17.50 -5.21 -38.74
N GLN R 59 17.09 -4.16 -38.02
CA GLN R 59 15.66 -3.89 -37.77
C GLN R 59 15.00 -3.22 -38.98
#